data_3VTZ
#
_entry.id   3VTZ
#
_cell.length_a   110.018
_cell.length_b   110.018
_cell.length_c   77.172
_cell.angle_alpha   90.00
_cell.angle_beta   90.00
_cell.angle_gamma   120.00
#
_symmetry.space_group_name_H-M   'P 31'
#
loop_
_entity.id
_entity.type
_entity.pdbx_description
1 polymer 'Glucose 1-dehydrogenase'
2 water water
#
_entity_poly.entity_id   1
_entity_poly.type   'polypeptide(L)'
_entity_poly.pdbx_seq_one_letter_code
;MGHHHHHHMEEFTDKVAIVTGGSSGIGLAVVDALVRYGAKVVSVSLDEKSDVNVSDHFKIDVTNEEEVKEAVEKTTKKYG
RIDILVNNAGIEQYSPLHLTPTEIWRRIIDVNVNGSYLMAKYTIPVMLAIGHGSIINIASVQSYAATKNAAAYVTSKHAL
LGLTRSVAIDYAPKIRCNAVCPGTIMTPMVIKAAKMEVGEDENAVERKIEEWGRQHPMGRIGRPEEVAEVVAFLASDRSS
FITGACLTVDGGLLSKLPISTPNADNSHH
;
_entity_poly.pdbx_strand_id   A,B,C,D
#
# COMPACT_ATOMS: atom_id res chain seq x y z
N GLU A 10 18.75 -15.98 -25.66
CA GLU A 10 20.08 -15.55 -25.12
C GLU A 10 20.24 -15.59 -23.55
N GLU A 11 19.52 -14.73 -22.82
CA GLU A 11 19.81 -14.62 -21.36
C GLU A 11 19.55 -15.89 -20.55
N PHE A 12 18.59 -16.69 -20.98
CA PHE A 12 18.22 -17.90 -20.26
C PHE A 12 18.85 -19.21 -20.80
N THR A 13 19.77 -19.09 -21.76
CA THR A 13 20.45 -20.24 -22.34
C THR A 13 20.95 -21.18 -21.25
N ASP A 14 20.56 -22.46 -21.34
CA ASP A 14 20.94 -23.47 -20.33
C ASP A 14 20.19 -23.38 -19.02
N LYS A 15 19.25 -22.46 -18.92
CA LYS A 15 18.41 -22.40 -17.75
C LYS A 15 17.11 -23.19 -17.93
N VAL A 16 16.56 -23.62 -16.81
CA VAL A 16 15.34 -24.36 -16.84
C VAL A 16 14.27 -23.63 -16.01
N ALA A 17 13.07 -23.53 -16.59
CA ALA A 17 11.91 -22.93 -15.91
C ALA A 17 10.72 -23.90 -15.87
N ILE A 18 10.03 -23.89 -14.73
CA ILE A 18 8.76 -24.53 -14.59
C ILE A 18 7.67 -23.43 -14.60
N VAL A 19 6.66 -23.63 -15.47
CA VAL A 19 5.49 -22.76 -15.45
C VAL A 19 4.16 -23.53 -15.31
N THR A 20 3.41 -23.17 -14.28
CA THR A 20 2.11 -23.79 -14.05
C THR A 20 1.00 -23.02 -14.76
N GLY A 21 -0.18 -23.61 -14.78
CA GLY A 21 -1.27 -23.17 -15.65
C GLY A 21 -0.74 -22.90 -17.06
N GLY A 22 0.01 -23.86 -17.61
CA GLY A 22 0.81 -23.66 -18.82
C GLY A 22 0.05 -23.59 -20.13
N SER A 23 -1.22 -24.03 -20.14
CA SER A 23 -2.07 -23.85 -21.30
C SER A 23 -3.15 -22.70 -21.18
N SER A 24 -3.00 -21.83 -20.18
CA SER A 24 -3.74 -20.57 -20.07
C SER A 24 -3.14 -19.55 -21.00
N GLY A 25 -3.93 -18.57 -21.42
CA GLY A 25 -3.39 -17.42 -22.08
C GLY A 25 -2.10 -16.92 -21.48
N ILE A 26 -2.10 -16.52 -20.22
CA ILE A 26 -0.87 -15.99 -19.59
C ILE A 26 0.28 -17.03 -19.57
N GLY A 27 -0.04 -18.25 -19.12
CA GLY A 27 0.94 -19.32 -19.00
C GLY A 27 1.54 -19.56 -20.37
N LEU A 28 0.67 -19.62 -21.36
CA LEU A 28 1.10 -19.90 -22.72
C LEU A 28 2.10 -18.81 -23.14
N ALA A 29 1.82 -17.55 -22.82
CA ALA A 29 2.70 -16.48 -23.26
C ALA A 29 3.97 -16.41 -22.43
N VAL A 30 3.93 -16.77 -21.15
CA VAL A 30 5.15 -16.90 -20.34
C VAL A 30 6.09 -17.97 -20.94
N VAL A 31 5.52 -19.12 -21.32
CA VAL A 31 6.30 -20.23 -21.88
C VAL A 31 7.02 -19.76 -23.16
N ASP A 32 6.23 -19.17 -24.07
CA ASP A 32 6.77 -18.64 -25.34
C ASP A 32 7.86 -17.59 -25.06
N ALA A 33 7.58 -16.60 -24.21
CA ALA A 33 8.61 -15.61 -23.82
C ALA A 33 9.88 -16.23 -23.24
N LEU A 34 9.77 -17.15 -22.28
CA LEU A 34 10.98 -17.74 -21.74
C LEU A 34 11.73 -18.62 -22.78
N VAL A 35 11.02 -19.21 -23.73
CA VAL A 35 11.71 -19.96 -24.76
C VAL A 35 12.46 -18.99 -25.69
N ARG A 36 11.80 -17.92 -26.12
CA ARG A 36 12.41 -16.85 -26.93
C ARG A 36 13.70 -16.35 -26.29
N TYR A 37 13.71 -16.19 -24.98
CA TYR A 37 14.93 -15.77 -24.32
C TYR A 37 15.92 -16.90 -24.01
N GLY A 38 15.66 -18.10 -24.51
CA GLY A 38 16.66 -19.15 -24.41
C GLY A 38 16.37 -20.29 -23.44
N ALA A 39 15.37 -20.20 -22.57
CA ALA A 39 15.19 -21.27 -21.57
C ALA A 39 14.75 -22.61 -22.14
N LYS A 40 15.05 -23.66 -21.44
CA LYS A 40 14.24 -24.86 -21.58
C LYS A 40 13.07 -24.69 -20.59
N VAL A 41 11.85 -24.96 -21.06
CA VAL A 41 10.66 -24.70 -20.28
C VAL A 41 9.89 -25.98 -20.04
N VAL A 42 9.50 -26.22 -18.79
CA VAL A 42 8.62 -27.33 -18.46
C VAL A 42 7.21 -26.80 -18.09
N SER A 43 6.18 -27.29 -18.79
CA SER A 43 4.78 -26.88 -18.53
C SER A 43 4.10 -27.81 -17.56
N VAL A 44 3.34 -27.21 -16.67
CA VAL A 44 2.47 -27.95 -15.81
C VAL A 44 1.07 -27.37 -16.06
N SER A 45 0.12 -28.26 -16.32
CA SER A 45 -1.30 -27.93 -16.33
C SER A 45 -2.17 -29.20 -16.16
N LEU A 46 -3.48 -29.02 -16.01
CA LEU A 46 -4.47 -30.11 -15.98
C LEU A 46 -4.69 -30.66 -17.33
N ASP A 47 -4.35 -29.89 -18.35
CA ASP A 47 -4.56 -30.27 -19.76
C ASP A 47 -3.52 -31.18 -20.41
N GLU A 48 -3.75 -31.50 -21.68
CA GLU A 48 -2.86 -32.38 -22.42
C GLU A 48 -1.71 -31.59 -23.09
N ASP A 51 1.09 -27.15 -27.10
CA ASP A 51 2.22 -26.22 -27.18
C ASP A 51 3.58 -26.91 -27.14
N VAL A 52 4.15 -27.28 -28.28
CA VAL A 52 5.53 -27.77 -28.25
C VAL A 52 6.48 -26.63 -28.66
N ASN A 53 6.39 -25.56 -27.89
CA ASN A 53 7.57 -24.80 -27.49
C ASN A 53 8.21 -25.49 -26.30
N VAL A 54 7.37 -26.15 -25.51
CA VAL A 54 7.79 -26.66 -24.21
C VAL A 54 8.70 -27.83 -24.51
N SER A 55 9.73 -27.97 -23.68
CA SER A 55 10.52 -29.16 -23.81
C SER A 55 9.98 -30.31 -22.94
N ASP A 56 9.04 -30.04 -22.04
CA ASP A 56 8.41 -31.15 -21.32
C ASP A 56 7.11 -30.67 -20.76
N HIS A 57 6.13 -31.55 -20.66
CA HIS A 57 4.85 -31.16 -20.10
C HIS A 57 4.31 -32.13 -19.07
N PHE A 58 3.87 -31.64 -17.93
CA PHE A 58 3.33 -32.50 -16.88
C PHE A 58 1.83 -32.21 -16.70
N LYS A 59 1.02 -33.21 -17.00
CA LYS A 59 -0.43 -33.13 -16.82
C LYS A 59 -0.70 -33.58 -15.41
N ILE A 60 -0.66 -32.63 -14.49
CA ILE A 60 -0.81 -32.90 -13.07
C ILE A 60 -1.67 -31.84 -12.40
N ASP A 61 -2.07 -32.11 -11.17
CA ASP A 61 -2.82 -31.16 -10.41
C ASP A 61 -1.84 -30.58 -9.37
N VAL A 62 -1.68 -29.26 -9.33
CA VAL A 62 -0.74 -28.63 -8.40
C VAL A 62 -1.12 -28.78 -6.95
N THR A 63 -2.36 -29.17 -6.66
CA THR A 63 -2.81 -29.43 -5.26
C THR A 63 -2.50 -30.85 -4.75
N ASN A 64 -1.99 -31.72 -5.63
CA ASN A 64 -1.66 -33.10 -5.31
C ASN A 64 -0.17 -33.14 -5.05
N GLU A 65 0.21 -33.17 -3.76
CA GLU A 65 1.60 -33.18 -3.37
C GLU A 65 2.48 -34.25 -4.09
N GLU A 66 1.99 -35.47 -4.20
CA GLU A 66 2.77 -36.56 -4.80
C GLU A 66 3.03 -36.31 -6.27
N GLU A 67 2.07 -35.73 -6.99
CA GLU A 67 2.29 -35.33 -8.37
C GLU A 67 3.34 -34.23 -8.48
N VAL A 68 3.19 -33.19 -7.66
CA VAL A 68 4.13 -32.09 -7.62
C VAL A 68 5.58 -32.60 -7.41
N LYS A 69 5.76 -33.34 -6.31
CA LYS A 69 7.00 -33.99 -5.98
C LYS A 69 7.56 -34.76 -7.18
N GLU A 70 6.76 -35.61 -7.81
CA GLU A 70 7.24 -36.43 -8.94
C GLU A 70 7.67 -35.59 -10.14
N ALA A 71 6.96 -34.49 -10.40
CA ALA A 71 7.24 -33.69 -11.56
C ALA A 71 8.54 -32.92 -11.34
N VAL A 72 8.68 -32.37 -10.15
CA VAL A 72 9.90 -31.63 -9.77
C VAL A 72 11.10 -32.59 -9.83
N GLU A 73 10.93 -33.80 -9.31
CA GLU A 73 11.97 -34.82 -9.28
C GLU A 73 12.36 -35.28 -10.69
N LYS A 74 11.37 -35.48 -11.56
CA LYS A 74 11.68 -35.85 -12.95
C LYS A 74 12.35 -34.72 -13.70
N THR A 75 11.95 -33.48 -13.41
CA THR A 75 12.53 -32.31 -14.08
C THR A 75 14.04 -32.21 -13.72
N THR A 76 14.36 -32.29 -12.42
CA THR A 76 15.74 -32.12 -11.96
C THR A 76 16.65 -33.24 -12.50
N LYS A 77 16.24 -34.50 -12.42
CA LYS A 77 16.96 -35.62 -13.06
C LYS A 77 17.17 -35.53 -14.56
N LYS A 78 16.29 -34.82 -15.24
CA LYS A 78 16.44 -34.63 -16.66
C LYS A 78 17.40 -33.49 -16.92
N TYR A 79 17.25 -32.40 -16.20
CA TYR A 79 18.02 -31.18 -16.49
C TYR A 79 19.11 -30.81 -15.48
N GLY A 80 19.03 -31.33 -14.25
CA GLY A 80 20.05 -31.06 -13.24
C GLY A 80 19.83 -29.77 -12.49
N ARG A 81 18.69 -29.10 -12.74
CA ARG A 81 18.49 -27.71 -12.34
C ARG A 81 17.06 -27.25 -12.62
N ILE A 82 16.59 -26.34 -11.75
CA ILE A 82 15.43 -25.53 -12.01
C ILE A 82 15.83 -24.10 -11.61
N ASP A 83 15.98 -23.21 -12.58
CA ASP A 83 16.36 -21.82 -12.28
C ASP A 83 15.18 -20.91 -11.99
N ILE A 84 14.01 -21.26 -12.54
CA ILE A 84 12.90 -20.31 -12.60
C ILE A 84 11.63 -21.08 -12.36
N LEU A 85 10.80 -20.62 -11.43
CA LEU A 85 9.46 -21.15 -11.22
C LEU A 85 8.40 -20.02 -11.42
N VAL A 86 7.39 -20.26 -12.24
CA VAL A 86 6.31 -19.28 -12.41
C VAL A 86 5.03 -19.94 -11.92
N ASN A 87 4.52 -19.45 -10.78
CA ASN A 87 3.26 -19.99 -10.22
C ASN A 87 2.15 -19.22 -10.91
N ASN A 88 1.39 -19.89 -11.75
CA ASN A 88 0.39 -19.25 -12.57
C ASN A 88 -0.92 -20.05 -12.61
N ALA A 89 -1.03 -21.10 -11.82
CA ALA A 89 -2.27 -21.92 -11.74
C ALA A 89 -3.25 -21.15 -10.86
N GLY A 90 -4.52 -21.05 -11.32
CA GLY A 90 -5.50 -20.25 -10.61
C GLY A 90 -6.86 -20.66 -11.12
N ILE A 91 -7.86 -20.69 -10.24
CA ILE A 91 -9.25 -20.82 -10.66
C ILE A 91 -10.07 -19.67 -10.10
N GLU A 92 -11.17 -19.35 -10.78
CA GLU A 92 -12.08 -18.27 -10.36
C GLU A 92 -13.50 -18.82 -10.12
N GLN A 93 -14.21 -18.24 -9.18
CA GLN A 93 -15.67 -18.43 -9.02
C GLN A 93 -16.25 -17.03 -8.87
N TYR A 94 -17.32 -16.74 -9.55
CA TYR A 94 -17.91 -15.40 -9.40
C TYR A 94 -19.01 -15.40 -8.32
N SER A 95 -18.63 -15.38 -7.05
CA SER A 95 -19.63 -15.28 -5.99
C SER A 95 -19.12 -14.44 -4.87
N PRO A 96 -20.01 -13.76 -4.15
CA PRO A 96 -19.62 -13.06 -2.97
C PRO A 96 -19.49 -14.12 -1.89
N LEU A 97 -18.86 -13.76 -0.79
CA LEU A 97 -18.53 -14.77 0.20
C LEU A 97 -19.67 -15.70 0.63
N HIS A 98 -20.79 -15.11 1.03
CA HIS A 98 -21.84 -15.93 1.68
C HIS A 98 -22.61 -16.81 0.67
N LEU A 99 -22.43 -16.54 -0.62
CA LEU A 99 -23.07 -17.38 -1.69
C LEU A 99 -22.03 -18.41 -2.23
N THR A 100 -20.84 -18.45 -1.69
CA THR A 100 -19.83 -19.39 -2.18
C THR A 100 -19.94 -20.69 -1.39
N PRO A 101 -20.27 -21.83 -2.07
CA PRO A 101 -20.40 -23.05 -1.25
C PRO A 101 -19.04 -23.47 -0.68
N THR A 102 -19.06 -24.23 0.42
CA THR A 102 -17.84 -24.55 1.15
C THR A 102 -16.80 -25.29 0.28
N GLU A 103 -17.24 -26.25 -0.51
CA GLU A 103 -16.33 -27.02 -1.32
C GLU A 103 -15.70 -26.12 -2.39
N ILE A 104 -16.46 -25.14 -2.87
CA ILE A 104 -15.89 -24.23 -3.87
C ILE A 104 -14.88 -23.29 -3.24
N TRP A 105 -15.22 -22.80 -2.06
CA TRP A 105 -14.27 -21.93 -1.32
C TRP A 105 -12.96 -22.67 -1.08
N ARG A 106 -13.05 -23.91 -0.58
CA ARG A 106 -11.86 -24.60 -0.14
C ARG A 106 -11.04 -24.98 -1.33
N ARG A 107 -11.70 -25.26 -2.45
CA ARG A 107 -10.99 -25.69 -3.67
C ARG A 107 -10.22 -24.51 -4.34
N ILE A 108 -10.84 -23.32 -4.36
CA ILE A 108 -10.10 -22.14 -4.86
C ILE A 108 -8.91 -21.77 -3.98
N ILE A 109 -9.08 -21.84 -2.66
CA ILE A 109 -7.96 -21.49 -1.77
C ILE A 109 -6.88 -22.59 -2.02
N ASP A 110 -7.32 -23.83 -2.06
CA ASP A 110 -6.43 -24.94 -2.33
C ASP A 110 -5.61 -24.79 -3.58
N VAL A 111 -6.24 -24.66 -4.76
CA VAL A 111 -5.49 -24.49 -6.01
C VAL A 111 -4.68 -23.23 -5.93
N ASN A 112 -5.28 -22.08 -5.57
CA ASN A 112 -4.60 -20.84 -5.77
C ASN A 112 -3.47 -20.55 -4.79
N VAL A 113 -3.61 -21.04 -3.58
CA VAL A 113 -2.63 -20.79 -2.50
C VAL A 113 -1.81 -22.04 -2.24
N ASN A 114 -2.50 -23.14 -1.93
CA ASN A 114 -1.82 -24.41 -1.68
C ASN A 114 -0.99 -25.00 -2.81
N GLY A 115 -1.49 -24.79 -4.03
CA GLY A 115 -0.80 -25.21 -5.27
C GLY A 115 0.54 -24.51 -5.42
N SER A 116 0.58 -23.23 -5.12
CA SER A 116 1.80 -22.43 -5.16
C SER A 116 2.77 -22.75 -4.05
N TYR A 117 2.23 -23.08 -2.89
CA TYR A 117 3.03 -23.46 -1.76
C TYR A 117 3.74 -24.73 -2.10
N LEU A 118 3.01 -25.68 -2.66
CA LEU A 118 3.53 -27.00 -3.01
C LEU A 118 4.65 -26.93 -4.06
N MET A 119 4.39 -26.21 -5.13
CA MET A 119 5.42 -26.03 -6.15
C MET A 119 6.61 -25.37 -5.54
N ALA A 120 6.43 -24.30 -4.79
CA ALA A 120 7.58 -23.63 -4.20
C ALA A 120 8.30 -24.56 -3.24
N LYS A 121 7.52 -25.35 -2.52
CA LYS A 121 8.08 -26.24 -1.51
C LYS A 121 9.09 -27.20 -2.07
N TYR A 122 8.80 -27.72 -3.26
CA TYR A 122 9.68 -28.69 -3.89
C TYR A 122 10.72 -28.12 -4.79
N THR A 123 10.53 -26.91 -5.26
CA THR A 123 11.48 -26.26 -6.15
C THR A 123 12.60 -25.62 -5.33
N ILE A 124 12.26 -25.12 -4.14
CA ILE A 124 13.18 -24.29 -3.34
C ILE A 124 14.49 -25.05 -3.04
N PRO A 125 14.41 -26.31 -2.58
CA PRO A 125 15.68 -26.98 -2.25
C PRO A 125 16.50 -27.21 -3.52
N VAL A 126 15.83 -27.20 -4.69
CA VAL A 126 16.55 -27.44 -5.95
C VAL A 126 17.30 -26.14 -6.20
N MET A 127 16.62 -25.03 -5.99
CA MET A 127 17.24 -23.77 -6.21
C MET A 127 18.38 -23.47 -5.21
N LEU A 128 18.20 -23.78 -3.94
CA LEU A 128 19.30 -23.65 -2.98
C LEU A 128 20.48 -24.57 -3.33
N ALA A 129 20.24 -25.81 -3.78
CA ALA A 129 21.32 -26.66 -4.20
C ALA A 129 22.11 -26.03 -5.32
N ILE A 130 21.44 -25.51 -6.35
CA ILE A 130 22.25 -25.02 -7.45
C ILE A 130 22.76 -23.64 -7.13
N GLY A 131 22.23 -23.01 -6.08
CA GLY A 131 22.72 -21.69 -5.65
C GLY A 131 22.01 -20.44 -6.16
N HIS A 132 20.87 -20.57 -6.85
CA HIS A 132 20.17 -19.39 -7.36
C HIS A 132 18.83 -19.76 -7.88
N GLY A 133 17.86 -18.90 -7.67
CA GLY A 133 16.54 -19.13 -8.22
C GLY A 133 15.76 -17.83 -8.27
N SER A 134 14.81 -17.77 -9.17
CA SER A 134 13.91 -16.66 -9.24
C SER A 134 12.51 -17.25 -9.30
N ILE A 135 11.68 -16.91 -8.29
CA ILE A 135 10.31 -17.36 -8.26
C ILE A 135 9.35 -16.18 -8.57
N ILE A 136 8.46 -16.39 -9.54
CA ILE A 136 7.46 -15.42 -9.91
C ILE A 136 6.03 -15.98 -9.70
N ASN A 137 5.35 -15.37 -8.74
CA ASN A 137 3.93 -15.62 -8.48
C ASN A 137 3.01 -14.69 -9.31
N ILE A 138 2.24 -15.28 -10.24
CA ILE A 138 1.19 -14.51 -10.98
C ILE A 138 0.00 -14.30 -10.08
N ALA A 139 -0.11 -13.09 -9.59
CA ALA A 139 -1.16 -12.73 -8.68
C ALA A 139 -2.20 -11.87 -9.48
N SER A 140 -2.52 -10.65 -9.06
CA SER A 140 -3.63 -9.96 -9.65
C SER A 140 -3.78 -8.56 -9.09
N VAL A 141 -4.47 -7.65 -9.80
CA VAL A 141 -4.83 -6.40 -9.14
C VAL A 141 -5.82 -6.74 -7.98
N GLN A 142 -6.53 -7.86 -8.09
CA GLN A 142 -7.37 -8.37 -7.00
C GLN A 142 -6.53 -8.80 -5.79
N SER A 143 -5.19 -8.57 -5.86
CA SER A 143 -4.30 -8.79 -4.69
C SER A 143 -4.30 -7.56 -3.78
N TYR A 144 -4.84 -6.43 -4.27
CA TYR A 144 -4.82 -5.13 -3.58
C TYR A 144 -6.22 -4.56 -3.35
N ALA A 145 -7.16 -4.95 -4.21
CA ALA A 145 -8.45 -4.31 -4.09
C ALA A 145 -9.46 -5.38 -4.56
N ALA A 146 -10.75 -5.08 -4.57
CA ALA A 146 -11.69 -6.11 -4.89
C ALA A 146 -12.78 -5.62 -5.84
N THR A 147 -13.09 -6.51 -6.72
CA THR A 147 -14.27 -6.53 -7.55
C THR A 147 -15.39 -7.14 -6.68
N LYS A 148 -16.63 -6.94 -7.07
CA LYS A 148 -17.70 -7.63 -6.42
C LYS A 148 -17.63 -9.08 -6.93
N ASN A 149 -18.36 -9.99 -6.25
CA ASN A 149 -18.53 -11.40 -6.69
C ASN A 149 -17.23 -12.15 -6.91
N ALA A 150 -16.22 -11.90 -6.09
CA ALA A 150 -14.94 -12.57 -6.29
C ALA A 150 -14.25 -12.91 -4.97
N ALA A 151 -15.02 -13.32 -3.97
CA ALA A 151 -14.49 -13.45 -2.61
C ALA A 151 -13.31 -14.44 -2.45
N ALA A 152 -13.53 -15.70 -2.88
CA ALA A 152 -12.44 -16.70 -2.78
C ALA A 152 -11.26 -16.25 -3.60
N TYR A 153 -11.51 -15.68 -4.76
CA TYR A 153 -10.39 -15.31 -5.65
C TYR A 153 -9.53 -14.17 -5.01
N VAL A 154 -10.20 -13.12 -4.52
CA VAL A 154 -9.51 -11.94 -3.95
C VAL A 154 -8.70 -12.38 -2.70
N THR A 155 -9.31 -13.22 -1.87
CA THR A 155 -8.65 -13.78 -0.70
C THR A 155 -7.40 -14.53 -1.12
N SER A 156 -7.52 -15.40 -2.12
CA SER A 156 -6.36 -16.22 -2.55
C SER A 156 -5.27 -15.35 -3.18
N LYS A 157 -5.69 -14.30 -3.87
CA LYS A 157 -4.66 -13.45 -4.49
C LYS A 157 -3.95 -12.52 -3.49
N HIS A 158 -4.67 -12.08 -2.46
CA HIS A 158 -3.98 -11.41 -1.39
C HIS A 158 -3.00 -12.36 -0.71
N ALA A 159 -3.46 -13.60 -0.43
CA ALA A 159 -2.62 -14.64 0.16
C ALA A 159 -1.29 -14.83 -0.60
N LEU A 160 -1.38 -14.89 -1.93
CA LEU A 160 -0.22 -15.07 -2.78
C LEU A 160 0.84 -14.02 -2.55
N LEU A 161 0.43 -12.79 -2.25
CA LEU A 161 1.44 -11.76 -1.97
C LEU A 161 2.19 -12.03 -0.68
N GLY A 162 1.49 -12.59 0.31
CA GLY A 162 2.10 -12.86 1.61
C GLY A 162 3.08 -14.05 1.41
N LEU A 163 2.61 -15.11 0.69
CA LEU A 163 3.47 -16.21 0.29
C LEU A 163 4.73 -15.63 -0.39
N THR A 164 4.52 -14.65 -1.26
CA THR A 164 5.61 -14.03 -1.99
C THR A 164 6.63 -13.33 -1.05
N ARG A 165 6.13 -12.56 -0.09
CA ARG A 165 6.98 -11.77 0.81
C ARG A 165 7.71 -12.70 1.79
N SER A 166 7.04 -13.78 2.20
CA SER A 166 7.68 -14.72 3.10
C SER A 166 8.87 -15.43 2.44
N VAL A 167 8.68 -15.94 1.23
CA VAL A 167 9.71 -16.66 0.51
C VAL A 167 10.87 -15.73 0.27
N ALA A 168 10.54 -14.51 -0.14
CA ALA A 168 11.57 -13.52 -0.36
C ALA A 168 12.39 -13.29 0.91
N ILE A 169 11.69 -13.20 2.04
CA ILE A 169 12.36 -12.85 3.28
C ILE A 169 13.27 -13.97 3.82
N ASP A 170 12.84 -15.22 3.64
CA ASP A 170 13.48 -16.40 4.16
C ASP A 170 14.55 -16.91 3.23
N TYR A 171 14.61 -16.51 1.96
CA TYR A 171 15.49 -17.26 1.02
C TYR A 171 16.43 -16.37 0.24
N ALA A 172 16.38 -15.05 0.52
CA ALA A 172 17.40 -14.10 0.02
C ALA A 172 18.78 -14.45 0.60
N PRO A 173 19.88 -14.19 -0.11
CA PRO A 173 20.04 -13.60 -1.43
C PRO A 173 19.88 -14.65 -2.57
N LYS A 174 19.96 -15.96 -2.28
CA LYS A 174 20.05 -16.93 -3.41
C LYS A 174 18.76 -17.04 -4.28
N ILE A 175 17.61 -16.88 -3.67
CA ILE A 175 16.34 -16.98 -4.34
C ILE A 175 15.62 -15.68 -4.26
N ARG A 176 15.28 -15.08 -5.39
CA ARG A 176 14.45 -13.87 -5.39
C ARG A 176 13.01 -14.37 -5.64
N CYS A 177 12.03 -13.72 -5.01
CA CYS A 177 10.62 -14.12 -5.18
C CYS A 177 9.83 -12.87 -5.31
N ASN A 178 9.15 -12.76 -6.45
CA ASN A 178 8.32 -11.58 -6.70
C ASN A 178 6.93 -11.95 -7.22
N ALA A 179 6.04 -10.95 -7.23
CA ALA A 179 4.65 -11.14 -7.69
C ALA A 179 4.37 -10.22 -8.86
N VAL A 180 3.56 -10.70 -9.78
CA VAL A 180 3.14 -9.86 -10.91
C VAL A 180 1.65 -9.77 -10.72
N CYS A 181 1.14 -8.55 -10.75
CA CYS A 181 -0.28 -8.22 -10.52
C CYS A 181 -0.97 -7.66 -11.77
N PRO A 182 -1.45 -8.55 -12.63
CA PRO A 182 -2.10 -8.11 -13.89
C PRO A 182 -3.45 -7.47 -13.68
N GLY A 183 -3.83 -6.50 -14.53
CA GLY A 183 -5.23 -6.04 -14.63
C GLY A 183 -5.99 -7.00 -15.52
N THR A 184 -6.97 -6.53 -16.29
CA THR A 184 -7.64 -7.43 -17.22
C THR A 184 -6.68 -7.74 -18.39
N ILE A 185 -6.44 -9.03 -18.63
CA ILE A 185 -5.61 -9.52 -19.73
C ILE A 185 -6.51 -10.25 -20.74
N MET A 186 -6.33 -10.03 -22.02
CA MET A 186 -7.12 -10.79 -22.97
C MET A 186 -6.78 -12.31 -22.82
N THR A 187 -7.78 -13.14 -22.49
CA THR A 187 -7.59 -14.57 -22.23
C THR A 187 -8.92 -15.17 -22.60
N PRO A 188 -8.97 -16.49 -22.82
CA PRO A 188 -10.31 -17.00 -23.08
C PRO A 188 -11.26 -16.92 -21.87
N MET A 189 -10.71 -16.82 -20.66
CA MET A 189 -11.49 -16.52 -19.46
C MET A 189 -12.22 -15.16 -19.46
N VAL A 190 -11.58 -14.14 -20.04
CA VAL A 190 -12.19 -12.81 -20.15
C VAL A 190 -13.34 -12.91 -21.12
N ILE A 191 -13.16 -13.66 -22.20
CA ILE A 191 -14.29 -13.84 -23.08
C ILE A 191 -15.49 -14.50 -22.36
N LYS A 192 -15.22 -15.59 -21.65
CA LYS A 192 -16.21 -16.28 -20.82
C LYS A 192 -16.89 -15.33 -19.79
N ALA A 193 -16.09 -14.57 -19.04
CA ALA A 193 -16.69 -13.68 -18.07
C ALA A 193 -17.65 -12.65 -18.74
N ALA A 194 -17.20 -12.04 -19.86
CA ALA A 194 -18.06 -11.13 -20.63
C ALA A 194 -19.32 -11.84 -21.06
N LYS A 195 -19.16 -13.05 -21.57
CA LYS A 195 -20.28 -13.85 -22.06
C LYS A 195 -21.27 -14.10 -20.92
N MET A 196 -20.72 -14.45 -19.76
CA MET A 196 -21.55 -14.68 -18.59
C MET A 196 -22.30 -13.40 -18.26
N GLU A 197 -21.68 -12.26 -18.49
CA GLU A 197 -22.26 -11.06 -17.95
C GLU A 197 -23.27 -10.44 -18.90
N VAL A 198 -22.97 -10.43 -20.19
CA VAL A 198 -23.96 -9.76 -21.03
C VAL A 198 -24.75 -10.68 -21.94
N GLY A 199 -24.32 -11.91 -22.17
CA GLY A 199 -24.96 -12.68 -23.24
C GLY A 199 -24.57 -12.20 -24.64
N GLU A 200 -25.42 -12.45 -25.62
CA GLU A 200 -24.95 -12.50 -27.01
C GLU A 200 -25.73 -11.69 -28.05
N ASP A 201 -26.46 -10.68 -27.59
CA ASP A 201 -27.12 -9.80 -28.51
C ASP A 201 -26.06 -8.96 -29.31
N GLU A 202 -26.05 -9.10 -30.65
CA GLU A 202 -25.09 -8.48 -31.56
C GLU A 202 -23.62 -8.57 -31.06
N ASN A 203 -22.86 -7.48 -31.07
CA ASN A 203 -21.49 -7.46 -30.49
C ASN A 203 -21.39 -7.11 -29.03
N ALA A 204 -22.49 -7.29 -28.30
CA ALA A 204 -22.47 -7.08 -26.82
C ALA A 204 -21.20 -7.59 -26.11
N VAL A 205 -20.77 -8.80 -26.48
CA VAL A 205 -19.65 -9.43 -25.79
C VAL A 205 -18.39 -8.61 -26.07
N GLU A 206 -18.18 -8.21 -27.34
CA GLU A 206 -16.98 -7.42 -27.64
C GLU A 206 -16.95 -6.01 -27.03
N ARG A 207 -18.11 -5.38 -26.99
CA ARG A 207 -18.32 -4.08 -26.35
C ARG A 207 -17.98 -4.15 -24.90
N LYS A 208 -18.44 -5.21 -24.24
CA LYS A 208 -18.14 -5.37 -22.83
C LYS A 208 -16.63 -5.50 -22.59
N ILE A 209 -15.89 -6.24 -23.46
CA ILE A 209 -14.42 -6.38 -23.22
C ILE A 209 -13.81 -4.99 -23.43
N GLU A 210 -14.38 -4.26 -24.41
CA GLU A 210 -13.96 -2.89 -24.69
C GLU A 210 -14.19 -1.89 -23.56
N GLU A 211 -15.36 -2.01 -22.93
CA GLU A 211 -15.73 -1.21 -21.73
C GLU A 211 -14.68 -1.48 -20.60
N TRP A 212 -14.35 -2.76 -20.36
CA TRP A 212 -13.33 -3.04 -19.34
C TRP A 212 -12.04 -2.32 -19.67
N GLY A 213 -11.62 -2.34 -20.94
CA GLY A 213 -10.43 -1.64 -21.34
C GLY A 213 -10.49 -0.15 -21.03
N ARG A 214 -11.60 0.46 -21.39
CA ARG A 214 -11.87 1.86 -21.04
C ARG A 214 -11.77 2.16 -19.54
N GLN A 215 -11.95 1.17 -18.67
CA GLN A 215 -11.82 1.42 -17.24
C GLN A 215 -10.36 1.54 -16.82
N HIS A 216 -9.45 0.99 -17.60
CA HIS A 216 -8.05 1.06 -17.26
C HIS A 216 -7.63 2.36 -17.86
N PRO A 217 -6.73 3.08 -17.18
CA PRO A 217 -6.30 4.37 -17.78
C PRO A 217 -5.68 4.19 -19.17
N MET A 218 -4.96 3.07 -19.42
CA MET A 218 -4.48 2.78 -20.76
C MET A 218 -5.62 2.74 -21.84
N GLY A 219 -6.89 2.56 -21.47
CA GLY A 219 -8.01 2.60 -22.42
C GLY A 219 -8.21 1.30 -23.23
N ARG A 220 -7.47 0.27 -22.86
CA ARG A 220 -7.48 -1.07 -23.45
C ARG A 220 -7.20 -2.10 -22.35
N ILE A 221 -7.44 -3.38 -22.62
CA ILE A 221 -6.95 -4.41 -21.71
C ILE A 221 -5.49 -4.79 -22.07
N GLY A 222 -4.84 -5.60 -21.24
CA GLY A 222 -3.52 -6.12 -21.58
C GLY A 222 -3.52 -7.37 -22.45
N ARG A 223 -2.42 -7.53 -23.18
CA ARG A 223 -2.05 -8.74 -23.92
C ARG A 223 -1.21 -9.66 -22.98
N PRO A 224 -1.46 -10.97 -23.05
CA PRO A 224 -0.75 -11.97 -22.29
C PRO A 224 0.76 -11.78 -22.44
N GLU A 225 1.25 -11.44 -23.62
CA GLU A 225 2.73 -11.17 -23.80
C GLU A 225 3.28 -10.01 -22.98
N GLU A 226 2.44 -9.01 -22.67
CA GLU A 226 2.92 -7.88 -21.86
C GLU A 226 3.14 -8.31 -20.40
N VAL A 227 2.29 -9.23 -19.91
CA VAL A 227 2.57 -9.92 -18.61
C VAL A 227 3.85 -10.75 -18.67
N ALA A 228 4.02 -11.54 -19.72
CA ALA A 228 5.20 -12.42 -19.92
C ALA A 228 6.52 -11.57 -19.94
N GLU A 229 6.48 -10.38 -20.52
CA GLU A 229 7.68 -9.57 -20.57
C GLU A 229 8.09 -9.24 -19.15
N VAL A 230 7.12 -9.03 -18.27
CA VAL A 230 7.47 -8.65 -16.90
C VAL A 230 7.97 -9.82 -16.07
N VAL A 231 7.32 -10.98 -16.23
CA VAL A 231 7.83 -12.24 -15.70
C VAL A 231 9.28 -12.46 -16.20
N ALA A 232 9.56 -12.24 -17.50
CA ALA A 232 10.90 -12.55 -18.02
C ALA A 232 11.98 -11.63 -17.38
N PHE A 233 11.66 -10.32 -17.30
CA PHE A 233 12.46 -9.36 -16.54
C PHE A 233 12.64 -9.80 -15.08
N LEU A 234 11.61 -10.30 -14.43
CA LEU A 234 11.77 -10.70 -13.04
C LEU A 234 12.65 -11.99 -12.88
N ALA A 235 12.69 -12.84 -13.90
CA ALA A 235 13.45 -14.09 -13.87
C ALA A 235 14.88 -13.75 -14.23
N SER A 236 15.07 -12.69 -15.01
CA SER A 236 16.39 -12.22 -15.44
C SER A 236 17.29 -11.57 -14.36
N ASP A 237 18.59 -11.55 -14.59
CA ASP A 237 19.52 -10.93 -13.63
C ASP A 237 19.46 -9.42 -13.70
N ARG A 238 18.81 -8.91 -14.72
CA ARG A 238 18.49 -7.49 -14.75
C ARG A 238 17.77 -6.98 -13.50
N SER A 239 16.90 -7.81 -12.93
CA SER A 239 16.18 -7.43 -11.73
C SER A 239 16.91 -8.01 -10.48
N SER A 240 18.25 -8.09 -10.53
CA SER A 240 18.99 -8.70 -9.45
C SER A 240 18.77 -8.08 -8.08
N PHE A 241 18.32 -6.82 -7.97
CA PHE A 241 18.04 -6.27 -6.61
C PHE A 241 16.54 -6.15 -6.26
N ILE A 242 15.68 -6.76 -7.07
CA ILE A 242 14.28 -6.81 -6.78
C ILE A 242 13.86 -8.15 -6.18
N THR A 243 13.34 -8.10 -4.97
CA THR A 243 12.79 -9.27 -4.35
C THR A 243 11.77 -8.86 -3.31
N GLY A 244 10.73 -9.67 -3.18
CA GLY A 244 9.58 -9.37 -2.35
C GLY A 244 8.72 -8.24 -2.87
N ALA A 245 8.86 -7.89 -4.17
CA ALA A 245 8.08 -6.83 -4.72
C ALA A 245 6.86 -7.40 -5.45
N CYS A 246 5.83 -6.58 -5.52
CA CYS A 246 4.56 -6.97 -6.07
C CYS A 246 4.38 -5.95 -7.19
N LEU A 247 4.62 -6.33 -8.44
CA LEU A 247 4.62 -5.39 -9.58
C LEU A 247 3.31 -5.43 -10.37
N THR A 248 2.54 -4.34 -10.36
CA THR A 248 1.31 -4.23 -11.12
C THR A 248 1.61 -4.12 -12.62
N VAL A 249 0.86 -4.89 -13.41
CA VAL A 249 0.87 -4.76 -14.84
C VAL A 249 -0.62 -4.56 -15.21
N ASP A 250 -1.12 -3.36 -15.02
CA ASP A 250 -2.55 -3.21 -14.98
C ASP A 250 -2.98 -1.95 -15.73
N GLY A 251 -2.12 -1.40 -16.58
CA GLY A 251 -2.51 -0.22 -17.37
C GLY A 251 -2.90 0.96 -16.51
N GLY A 252 -2.45 0.96 -15.26
CA GLY A 252 -2.70 2.06 -14.37
C GLY A 252 -3.88 1.87 -13.47
N LEU A 253 -4.61 0.75 -13.59
CA LEU A 253 -5.86 0.53 -12.90
C LEU A 253 -5.81 0.86 -11.42
N LEU A 254 -4.81 0.33 -10.72
CA LEU A 254 -4.72 0.50 -9.26
C LEU A 254 -4.35 1.91 -8.84
N SER A 255 -3.81 2.74 -9.73
CA SER A 255 -3.54 4.12 -9.37
C SER A 255 -4.64 5.07 -9.68
N LYS A 256 -5.80 4.54 -10.09
CA LYS A 256 -6.86 5.38 -10.62
C LYS A 256 -7.98 5.47 -9.67
N LEU A 257 -8.35 6.70 -9.31
CA LEU A 257 -9.63 6.91 -8.63
C LEU A 257 -10.80 7.16 -9.62
N PRO A 258 -11.90 6.40 -9.55
CA PRO A 258 -13.03 6.56 -10.47
C PRO A 258 -14.07 7.67 -10.15
N ILE A 259 -13.61 8.83 -9.75
CA ILE A 259 -14.47 9.94 -9.41
C ILE A 259 -14.19 11.01 -10.45
N SER A 260 -15.19 11.34 -11.23
CA SER A 260 -14.98 12.27 -12.31
C SER A 260 -14.64 13.67 -11.76
N THR A 261 -13.93 14.47 -12.55
CA THR A 261 -13.54 15.78 -12.12
C THR A 261 -13.79 16.80 -13.21
N PRO A 262 -14.00 18.06 -12.83
CA PRO A 262 -14.08 19.03 -13.91
C PRO A 262 -12.69 19.35 -14.50
N ASN A 263 -12.68 19.93 -15.69
CA ASN A 263 -11.48 20.62 -16.12
C ASN A 263 -11.62 22.12 -15.79
N ALA A 264 -10.74 22.66 -14.94
CA ALA A 264 -10.64 24.14 -14.78
C ALA A 264 -9.96 24.74 -16.01
N GLU B 10 -16.86 13.29 27.62
CA GLU B 10 -15.99 14.51 27.71
C GLU B 10 -14.53 14.22 28.20
N GLU B 11 -13.78 13.49 27.39
CA GLU B 11 -12.41 13.09 27.71
C GLU B 11 -11.31 14.07 27.29
N PHE B 12 -11.67 15.06 26.47
CA PHE B 12 -10.74 16.11 26.08
C PHE B 12 -10.75 17.32 27.05
N THR B 13 -11.42 17.16 28.18
CA THR B 13 -11.44 18.18 29.25
C THR B 13 -10.02 18.68 29.66
N ASP B 14 -9.85 20.00 29.64
CA ASP B 14 -8.56 20.71 29.85
C ASP B 14 -7.63 20.66 28.63
N LYS B 15 -7.94 19.84 27.63
CA LYS B 15 -7.09 19.81 26.44
C LYS B 15 -7.37 20.97 25.45
N VAL B 16 -6.31 21.44 24.80
CA VAL B 16 -6.39 22.52 23.81
C VAL B 16 -6.10 21.95 22.41
N ALA B 17 -6.99 22.28 21.46
CA ALA B 17 -6.82 21.82 20.08
C ALA B 17 -6.66 23.00 19.13
N ILE B 18 -5.78 22.91 18.15
CA ILE B 18 -5.76 23.91 17.09
C ILE B 18 -6.20 23.25 15.78
N VAL B 19 -7.11 23.90 15.07
CA VAL B 19 -7.60 23.35 13.81
C VAL B 19 -7.60 24.35 12.67
N THR B 20 -6.86 23.98 11.63
CA THR B 20 -6.68 24.85 10.47
C THR B 20 -7.77 24.57 9.42
N GLY B 21 -7.84 25.42 8.39
CA GLY B 21 -9.03 25.48 7.51
C GLY B 21 -10.30 25.32 8.36
N GLY B 22 -10.39 26.04 9.49
CA GLY B 22 -11.45 25.87 10.45
C GLY B 22 -12.82 26.39 10.02
N SER B 23 -12.92 27.07 8.89
CA SER B 23 -14.29 27.33 8.39
C SER B 23 -14.75 26.42 7.20
N SER B 24 -13.92 25.43 6.81
CA SER B 24 -14.30 24.26 5.99
C SER B 24 -15.44 23.52 6.58
N GLY B 25 -16.27 22.93 5.72
CA GLY B 25 -17.07 21.77 6.10
C GLY B 25 -16.33 20.84 7.06
N ILE B 26 -15.21 20.26 6.63
CA ILE B 26 -14.46 19.33 7.52
C ILE B 26 -14.02 20.01 8.83
N GLY B 27 -13.30 21.10 8.68
CA GLY B 27 -12.84 21.87 9.80
C GLY B 27 -13.95 22.21 10.77
N LEU B 28 -15.10 22.64 10.28
CA LEU B 28 -16.15 23.05 11.20
C LEU B 28 -16.64 21.82 11.96
N ALA B 29 -16.65 20.68 11.29
CA ALA B 29 -17.20 19.47 11.92
C ALA B 29 -16.17 19.01 12.95
N VAL B 30 -14.87 19.07 12.63
CA VAL B 30 -13.81 18.75 13.58
C VAL B 30 -13.89 19.66 14.83
N VAL B 31 -14.06 20.97 14.63
CA VAL B 31 -14.21 21.92 15.74
C VAL B 31 -15.37 21.50 16.63
N ASP B 32 -16.55 21.35 16.02
CA ASP B 32 -17.74 20.86 16.75
C ASP B 32 -17.55 19.53 17.50
N ALA B 33 -16.99 18.52 16.81
CA ALA B 33 -16.72 17.24 17.48
C ALA B 33 -15.78 17.41 18.65
N LEU B 34 -14.68 18.15 18.49
CA LEU B 34 -13.71 18.34 19.59
C LEU B 34 -14.29 19.14 20.76
N VAL B 35 -15.09 20.19 20.48
CA VAL B 35 -15.75 20.95 21.57
C VAL B 35 -16.75 20.05 22.26
N ARG B 36 -17.42 19.20 21.49
CA ARG B 36 -18.46 18.32 22.05
C ARG B 36 -17.79 17.34 23.03
N TYR B 37 -16.59 16.85 22.73
CA TYR B 37 -15.89 15.98 23.63
C TYR B 37 -15.11 16.72 24.75
N GLY B 38 -15.34 18.03 24.90
CA GLY B 38 -14.73 18.78 25.99
C GLY B 38 -13.52 19.68 25.72
N ALA B 39 -12.88 19.61 24.57
CA ALA B 39 -11.72 20.46 24.30
C ALA B 39 -12.04 21.95 24.14
N LYS B 40 -11.02 22.78 24.31
CA LYS B 40 -11.06 24.16 23.89
C LYS B 40 -10.43 24.18 22.51
N VAL B 41 -11.15 24.72 21.55
CA VAL B 41 -10.63 24.74 20.21
C VAL B 41 -10.21 26.13 19.77
N VAL B 42 -9.01 26.20 19.20
CA VAL B 42 -8.54 27.41 18.52
C VAL B 42 -8.54 27.17 17.02
N SER B 43 -9.24 28.00 16.31
CA SER B 43 -9.45 27.74 14.89
C SER B 43 -8.60 28.70 14.07
N VAL B 44 -8.05 28.17 13.01
CA VAL B 44 -7.25 28.98 12.12
C VAL B 44 -7.83 28.89 10.70
N SER B 45 -8.00 30.02 10.00
CA SER B 45 -8.42 30.03 8.56
C SER B 45 -8.14 31.37 7.83
N LEU B 46 -8.42 31.46 6.54
CA LEU B 46 -8.30 32.73 5.82
C LEU B 46 -9.42 33.70 6.13
N ASP B 47 -10.56 33.22 6.63
CA ASP B 47 -11.71 34.07 6.97
C ASP B 47 -11.74 34.61 8.37
N GLU B 48 -12.67 35.54 8.63
CA GLU B 48 -13.10 35.94 9.98
C GLU B 48 -14.17 34.95 10.42
N LYS B 49 -14.77 34.25 9.46
CA LYS B 49 -15.95 33.39 9.71
C LYS B 49 -16.08 32.87 11.15
N VAL B 52 -17.85 29.86 15.78
CA VAL B 52 -18.75 28.84 16.25
C VAL B 52 -18.75 28.77 17.80
N ASN B 53 -18.34 27.61 18.29
CA ASN B 53 -17.97 27.41 19.67
C ASN B 53 -16.40 27.35 19.84
N VAL B 54 -15.67 28.09 19.00
CA VAL B 54 -14.22 28.18 19.18
C VAL B 54 -13.92 29.10 20.35
N SER B 55 -12.91 28.76 21.13
CA SER B 55 -12.44 29.69 22.19
C SER B 55 -11.68 30.88 21.62
N ASP B 56 -11.17 30.73 20.40
CA ASP B 56 -10.40 31.77 19.71
C ASP B 56 -10.25 31.43 18.24
N HIS B 57 -10.17 32.48 17.42
CA HIS B 57 -10.01 32.30 16.02
C HIS B 57 -8.84 33.10 15.54
N PHE B 58 -8.03 32.52 14.65
CA PHE B 58 -6.96 33.30 14.09
C PHE B 58 -7.11 33.37 12.59
N LYS B 59 -7.28 34.60 12.09
CA LYS B 59 -7.33 34.80 10.68
C LYS B 59 -5.94 35.01 10.10
N ILE B 60 -5.34 33.95 9.58
CA ILE B 60 -3.94 34.00 9.12
C ILE B 60 -3.67 33.10 7.92
N ASP B 61 -2.51 33.29 7.31
CA ASP B 61 -2.19 32.41 6.21
C ASP B 61 -1.20 31.34 6.72
N VAL B 62 -1.61 30.05 6.77
CA VAL B 62 -0.72 28.99 7.27
C VAL B 62 0.65 28.88 6.58
N THR B 63 0.81 29.43 5.37
CA THR B 63 2.11 29.53 4.65
C THR B 63 2.95 30.72 5.08
N ASN B 64 2.40 31.59 5.92
CA ASN B 64 3.17 32.74 6.37
C ASN B 64 3.73 32.41 7.76
N GLU B 65 5.04 32.17 7.79
CA GLU B 65 5.73 31.73 9.00
C GLU B 65 5.59 32.66 10.24
N GLU B 66 5.75 33.95 10.03
CA GLU B 66 5.59 34.92 11.08
C GLU B 66 4.17 34.84 11.65
N GLU B 67 3.16 34.67 10.77
CA GLU B 67 1.79 34.55 11.22
C GLU B 67 1.55 33.27 12.00
N VAL B 68 2.09 32.15 11.53
CA VAL B 68 1.89 30.87 12.19
C VAL B 68 2.49 30.95 13.62
N LYS B 69 3.74 31.40 13.67
CA LYS B 69 4.49 31.55 14.90
C LYS B 69 3.76 32.43 15.92
N GLU B 70 3.35 33.61 15.50
CA GLU B 70 2.54 34.45 16.36
C GLU B 70 1.25 33.76 16.88
N ALA B 71 0.45 33.16 16.00
CA ALA B 71 -0.76 32.44 16.44
C ALA B 71 -0.49 31.33 17.47
N VAL B 72 0.53 30.53 17.22
CA VAL B 72 0.85 29.39 18.08
C VAL B 72 1.31 29.98 19.43
N GLU B 73 2.12 31.03 19.39
CA GLU B 73 2.61 31.64 20.63
C GLU B 73 1.55 32.38 21.43
N LYS B 74 0.61 32.99 20.74
CA LYS B 74 -0.50 33.59 21.46
C LYS B 74 -1.36 32.51 22.10
N THR B 75 -1.53 31.38 21.42
CA THR B 75 -2.34 30.29 21.99
C THR B 75 -1.69 29.67 23.27
N THR B 76 -0.43 29.31 23.12
CA THR B 76 0.36 28.79 24.21
C THR B 76 0.41 29.74 25.39
N LYS B 77 0.61 31.04 25.12
CA LYS B 77 0.54 32.07 26.14
C LYS B 77 -0.84 32.12 26.82
N LYS B 78 -1.91 32.08 26.05
CA LYS B 78 -3.22 32.22 26.65
C LYS B 78 -3.72 30.94 27.35
N TYR B 79 -3.52 29.76 26.77
CA TYR B 79 -4.12 28.52 27.29
C TYR B 79 -3.10 27.68 28.00
N GLY B 80 -1.84 27.98 27.74
CA GLY B 80 -0.76 27.32 28.45
C GLY B 80 -0.38 25.99 27.88
N ARG B 81 -1.13 25.46 26.93
CA ARG B 81 -0.85 24.15 26.37
C ARG B 81 -1.53 23.99 25.00
N ILE B 82 -1.02 23.05 24.18
CA ILE B 82 -1.65 22.63 22.98
C ILE B 82 -1.42 21.14 22.99
N ASP B 83 -2.50 20.39 22.92
CA ASP B 83 -2.49 18.94 22.98
C ASP B 83 -2.69 18.28 21.60
N ILE B 84 -3.41 18.97 20.72
CA ILE B 84 -3.91 18.38 19.48
C ILE B 84 -3.72 19.41 18.40
N LEU B 85 -3.18 19.03 17.23
CA LEU B 85 -3.21 19.87 16.02
C LEU B 85 -3.98 19.13 14.93
N VAL B 86 -4.88 19.83 14.24
CA VAL B 86 -5.52 19.19 13.12
C VAL B 86 -5.12 20.04 11.92
N ASN B 87 -4.18 19.52 11.09
CA ASN B 87 -3.86 20.17 9.82
C ASN B 87 -4.94 19.83 8.78
N ASN B 88 -5.74 20.83 8.44
CA ASN B 88 -6.89 20.65 7.56
C ASN B 88 -6.94 21.69 6.44
N ALA B 89 -6.01 22.64 6.40
CA ALA B 89 -5.93 23.67 5.34
C ALA B 89 -5.44 23.04 4.00
N GLY B 90 -6.10 23.35 2.90
CA GLY B 90 -5.82 22.66 1.62
C GLY B 90 -6.63 23.35 0.55
N ILE B 91 -6.03 23.54 -0.63
CA ILE B 91 -6.70 24.13 -1.80
C ILE B 91 -6.51 23.17 -2.96
N GLU B 92 -7.26 23.43 -4.05
CA GLU B 92 -7.35 22.55 -5.25
C GLU B 92 -7.33 23.36 -6.54
N GLN B 93 -6.74 22.77 -7.57
CA GLN B 93 -6.81 23.25 -8.93
C GLN B 93 -7.18 22.02 -9.76
N TYR B 94 -8.26 22.06 -10.50
CA TYR B 94 -8.54 20.95 -11.41
C TYR B 94 -7.78 21.08 -12.78
N SER B 95 -6.51 20.68 -12.79
CA SER B 95 -5.65 20.72 -13.98
C SER B 95 -4.75 19.55 -13.96
N PRO B 96 -4.45 18.95 -15.13
CA PRO B 96 -3.39 17.96 -15.18
C PRO B 96 -2.08 18.72 -15.06
N LEU B 97 -1.00 18.02 -14.87
CA LEU B 97 0.25 18.68 -14.58
C LEU B 97 0.65 19.76 -15.61
N HIS B 98 0.71 19.41 -16.89
CA HIS B 98 1.40 20.33 -17.83
C HIS B 98 0.52 21.54 -18.11
N LEU B 99 -0.77 21.48 -17.69
CA LEU B 99 -1.67 22.60 -17.89
C LEU B 99 -1.73 23.43 -16.58
N THR B 100 -0.90 23.13 -15.58
CA THR B 100 -0.98 23.86 -14.30
C THR B 100 0.06 24.95 -14.32
N PRO B 101 -0.33 26.23 -14.26
CA PRO B 101 0.67 27.31 -14.26
C PRO B 101 1.59 27.26 -13.00
N THR B 102 2.84 27.67 -13.18
CA THR B 102 3.83 27.63 -12.08
C THR B 102 3.36 28.27 -10.73
N GLU B 103 2.79 29.47 -10.75
CA GLU B 103 2.37 30.07 -9.49
C GLU B 103 1.26 29.25 -8.82
N ILE B 104 0.33 28.72 -9.60
CA ILE B 104 -0.70 27.86 -9.01
C ILE B 104 -0.10 26.57 -8.50
N TRP B 105 0.89 26.03 -9.22
CA TRP B 105 1.50 24.78 -8.71
C TRP B 105 2.14 25.05 -7.35
N ARG B 106 2.96 26.12 -7.30
CA ARG B 106 3.80 26.40 -6.12
C ARG B 106 2.89 26.70 -4.97
N ARG B 107 1.77 27.36 -5.28
CA ARG B 107 0.86 27.83 -4.26
C ARG B 107 0.12 26.64 -3.62
N ILE B 108 -0.40 25.73 -4.43
CA ILE B 108 -0.98 24.47 -3.84
C ILE B 108 -0.03 23.67 -2.98
N ILE B 109 1.22 23.54 -3.43
CA ILE B 109 2.20 22.71 -2.69
C ILE B 109 2.54 23.52 -1.40
N ASP B 110 2.74 24.82 -1.56
CA ASP B 110 2.94 25.70 -0.39
C ASP B 110 1.79 25.60 0.65
N VAL B 111 0.55 25.88 0.24
CA VAL B 111 -0.56 25.78 1.18
C VAL B 111 -0.65 24.38 1.78
N ASN B 112 -0.78 23.35 0.93
CA ASN B 112 -1.15 22.01 1.38
C ASN B 112 -0.07 21.20 2.10
N VAL B 113 1.20 21.42 1.73
CA VAL B 113 2.38 20.73 2.33
C VAL B 113 3.14 21.61 3.35
N ASN B 114 3.63 22.80 2.94
CA ASN B 114 4.37 23.70 3.83
C ASN B 114 3.58 24.33 4.99
N GLY B 115 2.29 24.57 4.76
CA GLY B 115 1.36 25.04 5.78
C GLY B 115 1.28 24.03 6.94
N SER B 116 1.14 22.75 6.59
CA SER B 116 1.16 21.67 7.57
C SER B 116 2.49 21.58 8.31
N TYR B 117 3.59 21.73 7.58
CA TYR B 117 4.90 21.67 8.16
C TYR B 117 5.05 22.79 9.14
N LEU B 118 4.61 23.97 8.72
CA LEU B 118 4.78 25.13 9.57
C LEU B 118 3.98 25.04 10.88
N MET B 119 2.72 24.64 10.78
CA MET B 119 1.89 24.47 11.95
C MET B 119 2.58 23.46 12.85
N ALA B 120 2.95 22.29 12.31
CA ALA B 120 3.54 21.24 13.12
C ALA B 120 4.86 21.71 13.76
N LYS B 121 5.62 22.47 13.00
CA LYS B 121 6.90 22.97 13.48
C LYS B 121 6.77 23.82 14.74
N TYR B 122 5.73 24.64 14.80
CA TYR B 122 5.65 25.51 15.95
C TYR B 122 4.91 24.88 17.12
N THR B 123 4.22 23.78 16.87
CA THR B 123 3.30 23.23 17.80
C THR B 123 3.98 22.06 18.51
N ILE B 124 4.83 21.35 17.79
CA ILE B 124 5.57 20.22 18.36
C ILE B 124 6.34 20.54 19.67
N PRO B 125 7.04 21.69 19.72
CA PRO B 125 7.83 21.92 20.96
C PRO B 125 6.93 21.90 22.21
N VAL B 126 5.78 22.57 22.13
CA VAL B 126 4.85 22.61 23.26
C VAL B 126 4.36 21.21 23.61
N MET B 127 4.07 20.40 22.60
CA MET B 127 3.57 19.07 22.87
C MET B 127 4.68 18.26 23.52
N LEU B 128 5.93 18.46 23.06
CA LEU B 128 7.06 17.77 23.72
C LEU B 128 7.14 18.21 25.17
N ALA B 129 7.11 19.53 25.41
CA ALA B 129 7.24 20.08 26.76
C ALA B 129 6.27 19.39 27.70
N ILE B 130 5.04 19.28 27.22
CA ILE B 130 3.92 18.83 27.99
C ILE B 130 3.87 17.30 28.12
N GLY B 131 4.66 16.57 27.35
CA GLY B 131 4.65 15.13 27.48
C GLY B 131 3.74 14.32 26.57
N HIS B 132 2.66 14.89 26.04
CA HIS B 132 1.80 14.15 25.12
C HIS B 132 1.27 15.12 24.08
N GLY B 133 1.11 14.65 22.83
CA GLY B 133 0.45 15.42 21.80
C GLY B 133 -0.08 14.49 20.72
N SER B 134 -0.97 15.02 19.90
CA SER B 134 -1.59 14.26 18.82
C SER B 134 -1.76 15.17 17.62
N ILE B 135 -1.15 14.80 16.52
CA ILE B 135 -1.25 15.57 15.31
C ILE B 135 -2.00 14.71 14.27
N ILE B 136 -3.17 15.22 13.84
CA ILE B 136 -3.97 14.58 12.78
C ILE B 136 -3.88 15.45 11.50
N ASN B 137 -3.30 14.84 10.47
CA ASN B 137 -3.22 15.43 9.12
C ASN B 137 -4.41 14.97 8.29
N ILE B 138 -5.19 15.93 7.77
CA ILE B 138 -6.35 15.62 6.89
C ILE B 138 -5.81 15.49 5.46
N ALA B 139 -5.67 14.27 5.00
CA ALA B 139 -5.14 14.07 3.64
C ALA B 139 -6.32 13.70 2.72
N SER B 140 -6.30 12.56 2.02
CA SER B 140 -7.35 12.29 1.05
C SER B 140 -7.15 10.89 0.51
N VAL B 141 -8.16 10.31 -0.14
CA VAL B 141 -7.94 9.14 -0.99
C VAL B 141 -6.97 9.49 -2.14
N GLN B 142 -6.89 10.76 -2.49
CA GLN B 142 -5.92 11.22 -3.50
C GLN B 142 -4.47 11.20 -2.93
N SER B 143 -4.30 10.63 -1.73
CA SER B 143 -2.97 10.39 -1.13
C SER B 143 -2.48 8.98 -1.54
N TYR B 144 -3.37 8.20 -2.20
CA TYR B 144 -3.06 6.81 -2.59
C TYR B 144 -3.30 6.55 -4.06
N ALA B 145 -4.26 7.26 -4.64
CA ALA B 145 -4.56 7.05 -6.04
C ALA B 145 -4.88 8.44 -6.65
N ALA B 146 -5.12 8.52 -7.96
CA ALA B 146 -5.33 9.79 -8.60
C ALA B 146 -6.56 9.80 -9.47
N THR B 147 -7.23 10.89 -9.34
CA THR B 147 -8.29 11.32 -10.23
C THR B 147 -7.54 11.99 -11.35
N LYS B 148 -8.19 12.14 -12.49
CA LYS B 148 -7.74 13.03 -13.55
C LYS B 148 -7.79 14.51 -13.08
N ASN B 149 -7.01 15.40 -13.73
CA ASN B 149 -7.11 16.86 -13.51
C ASN B 149 -6.86 17.25 -12.07
N ALA B 150 -5.90 16.60 -11.42
CA ALA B 150 -5.65 16.96 -9.98
C ALA B 150 -4.15 16.84 -9.62
N ALA B 151 -3.28 17.18 -10.56
CA ALA B 151 -1.87 16.95 -10.40
C ALA B 151 -1.31 17.53 -9.07
N ALA B 152 -1.50 18.83 -8.82
CA ALA B 152 -0.88 19.49 -7.66
C ALA B 152 -1.54 18.99 -6.38
N TYR B 153 -2.86 18.78 -6.48
CA TYR B 153 -3.56 18.27 -5.30
C TYR B 153 -3.10 16.83 -4.92
N VAL B 154 -3.00 15.94 -5.91
CA VAL B 154 -2.69 14.55 -5.62
C VAL B 154 -1.27 14.50 -5.08
N THR B 155 -0.38 15.26 -5.70
CA THR B 155 0.97 15.28 -5.22
C THR B 155 1.14 15.83 -3.80
N SER B 156 0.35 16.82 -3.45
CA SER B 156 0.46 17.43 -2.15
C SER B 156 -0.19 16.55 -1.09
N LYS B 157 -1.18 15.77 -1.47
CA LYS B 157 -1.75 14.85 -0.47
C LYS B 157 -0.91 13.59 -0.21
N HIS B 158 -0.25 13.07 -1.25
CA HIS B 158 0.84 12.09 -1.06
C HIS B 158 1.93 12.62 -0.14
N ALA B 159 2.40 13.85 -0.35
CA ALA B 159 3.43 14.49 0.48
C ALA B 159 2.98 14.39 1.95
N LEU B 160 1.69 14.67 2.19
CA LEU B 160 1.22 14.84 3.53
C LEU B 160 1.34 13.53 4.30
N LEU B 161 1.23 12.39 3.64
CA LEU B 161 1.47 11.11 4.34
C LEU B 161 2.97 10.96 4.68
N GLY B 162 3.86 11.53 3.86
CA GLY B 162 5.28 11.38 4.11
C GLY B 162 5.53 12.24 5.33
N LEU B 163 4.89 13.42 5.36
CA LEU B 163 5.03 14.34 6.47
C LEU B 163 4.54 13.64 7.73
N THR B 164 3.42 12.93 7.60
CA THR B 164 2.86 12.17 8.68
C THR B 164 3.80 11.09 9.23
N ARG B 165 4.34 10.25 8.38
CA ARG B 165 5.13 9.11 8.79
C ARG B 165 6.47 9.60 9.38
N SER B 166 7.00 10.67 8.83
CA SER B 166 8.18 11.26 9.41
C SER B 166 8.01 11.77 10.84
N VAL B 167 6.96 12.55 11.07
CA VAL B 167 6.70 13.10 12.41
C VAL B 167 6.46 11.97 13.39
N ALA B 168 5.77 10.96 12.93
CA ALA B 168 5.40 9.87 13.84
C ALA B 168 6.66 9.10 14.24
N ILE B 169 7.59 8.97 13.29
CA ILE B 169 8.82 8.24 13.57
C ILE B 169 9.80 9.03 14.47
N ASP B 170 9.82 10.35 14.35
CA ASP B 170 10.80 11.21 15.03
C ASP B 170 10.32 11.54 16.42
N TYR B 171 9.01 11.39 16.74
CA TYR B 171 8.49 12.04 17.96
C TYR B 171 7.75 11.08 18.85
N ALA B 172 7.59 9.84 18.41
CA ALA B 172 7.08 8.80 19.28
C ALA B 172 8.08 8.67 20.43
N PRO B 173 7.62 8.38 21.64
CA PRO B 173 6.25 8.09 21.97
C PRO B 173 5.44 9.33 22.41
N LYS B 174 6.05 10.50 22.58
CA LYS B 174 5.28 11.62 23.14
C LYS B 174 4.18 12.20 22.20
N ILE B 175 4.48 12.22 20.90
CA ILE B 175 3.56 12.74 19.94
C ILE B 175 3.23 11.62 19.03
N ARG B 176 1.92 11.36 18.87
CA ARG B 176 1.44 10.50 17.77
C ARG B 176 1.01 11.35 16.56
N CYS B 177 1.25 10.81 15.37
CA CYS B 177 0.89 11.53 14.18
C CYS B 177 0.28 10.61 13.19
N ASN B 178 -0.90 10.97 12.73
CA ASN B 178 -1.66 10.10 11.86
C ASN B 178 -2.41 10.91 10.81
N ALA B 179 -2.76 10.24 9.74
CA ALA B 179 -3.49 10.86 8.66
C ALA B 179 -4.88 10.24 8.53
N VAL B 180 -5.81 11.11 8.16
CA VAL B 180 -7.17 10.76 7.82
C VAL B 180 -7.32 11.00 6.32
N CYS B 181 -7.82 9.97 5.61
CA CYS B 181 -7.90 9.95 4.11
C CYS B 181 -9.33 9.84 3.63
N PRO B 182 -10.03 10.98 3.56
CA PRO B 182 -11.45 10.93 3.17
C PRO B 182 -11.62 10.75 1.67
N GLY B 183 -12.69 10.05 1.30
CA GLY B 183 -13.20 10.02 -0.07
C GLY B 183 -13.99 11.29 -0.23
N THR B 184 -15.03 11.29 -1.06
CA THR B 184 -15.81 12.51 -1.26
C THR B 184 -16.65 12.77 -0.01
N ILE B 185 -16.56 14.00 0.50
CA ILE B 185 -17.29 14.41 1.67
C ILE B 185 -18.21 15.56 1.28
N MET B 186 -19.48 15.51 1.70
CA MET B 186 -20.36 16.63 1.39
C MET B 186 -19.78 17.92 1.98
N THR B 187 -19.40 18.88 1.13
CA THR B 187 -18.97 20.22 1.54
C THR B 187 -19.31 21.15 0.40
N PRO B 188 -19.38 22.47 0.65
CA PRO B 188 -19.54 23.40 -0.46
C PRO B 188 -18.56 23.22 -1.64
N MET B 189 -17.34 22.78 -1.38
CA MET B 189 -16.40 22.48 -2.46
C MET B 189 -16.96 21.42 -3.42
N VAL B 190 -17.63 20.43 -2.85
CA VAL B 190 -18.16 19.34 -3.62
C VAL B 190 -19.24 19.85 -4.53
N ILE B 191 -20.04 20.79 -4.01
CA ILE B 191 -21.11 21.38 -4.80
C ILE B 191 -20.55 22.18 -6.00
N LYS B 192 -19.51 22.95 -5.72
CA LYS B 192 -18.86 23.81 -6.70
C LYS B 192 -18.29 22.95 -7.83
N ALA B 193 -17.59 21.89 -7.47
CA ALA B 193 -17.03 20.96 -8.43
C ALA B 193 -18.11 20.30 -9.33
N ALA B 194 -19.24 19.90 -8.73
CA ALA B 194 -20.37 19.33 -9.51
C ALA B 194 -20.84 20.37 -10.50
N LYS B 195 -20.94 21.59 -9.99
CA LYS B 195 -21.48 22.67 -10.79
C LYS B 195 -20.53 22.93 -11.99
N MET B 196 -19.22 23.01 -11.71
CA MET B 196 -18.17 23.12 -12.76
C MET B 196 -18.30 21.98 -13.76
N GLU B 197 -18.60 20.77 -13.32
CA GLU B 197 -18.54 19.69 -14.27
C GLU B 197 -19.77 19.65 -15.18
N VAL B 198 -20.95 19.84 -14.61
CA VAL B 198 -22.16 19.53 -15.35
C VAL B 198 -23.01 20.74 -15.60
N GLY B 199 -22.80 21.85 -14.89
CA GLY B 199 -23.68 23.00 -15.12
C GLY B 199 -25.05 22.80 -14.48
N GLU B 200 -26.05 23.45 -15.01
CA GLU B 200 -27.24 23.76 -14.22
C GLU B 200 -28.62 23.39 -14.81
N ASP B 201 -28.63 22.53 -15.82
CA ASP B 201 -29.87 22.02 -16.38
C ASP B 201 -30.67 21.14 -15.33
N GLU B 202 -31.91 21.54 -15.03
CA GLU B 202 -32.76 20.96 -13.95
C GLU B 202 -31.97 20.47 -12.73
N ASN B 203 -32.08 19.20 -12.33
CA ASN B 203 -31.29 18.76 -11.18
C ASN B 203 -29.97 18.12 -11.46
N ALA B 204 -29.32 18.54 -12.55
CA ALA B 204 -27.99 17.93 -12.89
C ALA B 204 -26.96 18.02 -11.79
N VAL B 205 -26.90 19.13 -11.06
CA VAL B 205 -25.92 19.23 -9.96
C VAL B 205 -26.18 18.14 -8.89
N GLU B 206 -27.42 18.04 -8.44
CA GLU B 206 -27.67 17.01 -7.46
C GLU B 206 -27.44 15.56 -7.93
N ARG B 207 -27.78 15.26 -9.18
CA ARG B 207 -27.64 13.90 -9.75
C ARG B 207 -26.14 13.54 -9.82
N LYS B 208 -25.34 14.54 -10.15
CA LYS B 208 -23.91 14.37 -10.19
C LYS B 208 -23.33 14.11 -8.79
N ILE B 209 -23.85 14.75 -7.75
CA ILE B 209 -23.33 14.47 -6.41
C ILE B 209 -23.81 13.05 -6.01
N GLU B 210 -25.01 12.70 -6.43
CA GLU B 210 -25.50 11.37 -6.13
C GLU B 210 -24.69 10.23 -6.86
N GLU B 211 -24.29 10.52 -8.10
CA GLU B 211 -23.44 9.62 -8.88
C GLU B 211 -22.03 9.37 -8.26
N TRP B 212 -21.35 10.43 -7.82
CA TRP B 212 -20.14 10.21 -7.08
C TRP B 212 -20.43 9.31 -5.89
N GLY B 213 -21.54 9.51 -5.18
CA GLY B 213 -21.92 8.64 -4.09
C GLY B 213 -21.97 7.19 -4.53
N ARG B 214 -22.51 6.95 -5.75
CA ARG B 214 -22.67 5.58 -6.26
C ARG B 214 -21.37 4.90 -6.61
N GLN B 215 -20.30 5.67 -6.81
CA GLN B 215 -18.98 5.02 -6.99
C GLN B 215 -18.35 4.59 -5.69
N HIS B 216 -18.85 5.02 -4.55
CA HIS B 216 -18.27 4.58 -3.32
C HIS B 216 -19.07 3.33 -3.08
N PRO B 217 -18.42 2.26 -2.63
CA PRO B 217 -19.17 1.07 -2.27
C PRO B 217 -20.33 1.39 -1.32
N MET B 218 -20.16 2.28 -0.34
CA MET B 218 -21.29 2.71 0.49
C MET B 218 -22.49 3.30 -0.27
N GLY B 219 -22.32 3.71 -1.55
CA GLY B 219 -23.42 4.18 -2.37
C GLY B 219 -23.90 5.59 -2.01
N ARG B 220 -23.12 6.28 -1.17
CA ARG B 220 -23.35 7.68 -0.79
C ARG B 220 -22.01 8.39 -0.61
N ILE B 221 -22.03 9.71 -0.45
CA ILE B 221 -20.76 10.36 -0.11
C ILE B 221 -20.71 10.51 1.43
N GLY B 222 -19.58 10.95 1.98
CA GLY B 222 -19.49 11.02 3.44
C GLY B 222 -19.94 12.34 3.96
N ARG B 223 -20.30 12.33 5.23
CA ARG B 223 -20.66 13.54 5.98
C ARG B 223 -19.40 14.09 6.73
N PRO B 224 -19.28 15.41 6.78
CA PRO B 224 -18.13 15.98 7.44
C PRO B 224 -18.03 15.45 8.88
N GLU B 225 -19.15 15.20 9.57
CA GLU B 225 -19.03 14.65 10.95
C GLU B 225 -18.50 13.22 11.01
N GLU B 226 -18.59 12.49 9.92
CA GLU B 226 -17.99 11.15 9.92
C GLU B 226 -16.46 11.27 9.87
N VAL B 227 -15.92 12.26 9.17
CA VAL B 227 -14.50 12.55 9.25
C VAL B 227 -14.15 13.01 10.66
N ALA B 228 -14.90 13.98 11.18
CA ALA B 228 -14.62 14.53 12.50
C ALA B 228 -14.58 13.42 13.61
N GLU B 229 -15.46 12.41 13.51
CA GLU B 229 -15.41 11.32 14.51
C GLU B 229 -14.07 10.58 14.46
N VAL B 230 -13.48 10.47 13.28
CA VAL B 230 -12.24 9.71 13.13
C VAL B 230 -11.06 10.53 13.67
N VAL B 231 -11.08 11.85 13.39
CA VAL B 231 -10.12 12.78 13.94
C VAL B 231 -10.13 12.74 15.49
N ALA B 232 -11.33 12.77 16.08
CA ALA B 232 -11.49 12.75 17.56
C ALA B 232 -10.92 11.47 18.16
N PHE B 233 -11.29 10.33 17.57
CA PHE B 233 -10.69 9.04 17.93
C PHE B 233 -9.13 9.07 17.85
N LEU B 234 -8.55 9.66 16.79
CA LEU B 234 -7.10 9.73 16.72
C LEU B 234 -6.51 10.69 17.75
N ALA B 235 -7.25 11.75 18.09
CA ALA B 235 -6.83 12.70 19.11
C ALA B 235 -6.95 12.05 20.51
N SER B 236 -7.81 11.05 20.64
CA SER B 236 -8.08 10.44 21.93
C SER B 236 -7.10 9.34 22.42
N ASP B 237 -7.03 9.16 23.74
CA ASP B 237 -6.25 8.04 24.37
C ASP B 237 -6.71 6.68 23.89
N ARG B 238 -7.91 6.60 23.36
CA ARG B 238 -8.35 5.33 22.73
C ARG B 238 -7.38 4.78 21.65
N SER B 239 -6.78 5.66 20.86
CA SER B 239 -5.92 5.21 19.79
C SER B 239 -4.41 5.29 20.22
N SER B 240 -4.14 5.08 21.50
CA SER B 240 -2.82 5.26 22.07
C SER B 240 -1.74 4.34 21.49
N PHE B 241 -2.10 3.22 20.84
CA PHE B 241 -1.01 2.54 20.06
C PHE B 241 -1.03 2.76 18.52
N ILE B 242 -1.75 3.77 18.04
CA ILE B 242 -1.76 4.03 16.62
C ILE B 242 -0.97 5.27 16.36
N THR B 243 0.07 5.14 15.53
CA THR B 243 0.77 6.30 15.08
C THR B 243 1.43 5.97 13.75
N GLY B 244 1.72 7.01 12.95
CA GLY B 244 2.16 6.86 11.59
C GLY B 244 1.14 6.17 10.68
N ALA B 245 -0.12 6.02 11.09
CA ALA B 245 -1.18 5.32 10.30
C ALA B 245 -1.96 6.31 9.38
N CYS B 246 -2.49 5.76 8.31
CA CYS B 246 -3.19 6.56 7.34
C CYS B 246 -4.52 5.86 7.24
N LEU B 247 -5.50 6.28 8.03
CA LEU B 247 -6.85 5.74 8.07
C LEU B 247 -7.78 6.33 6.99
N THR B 248 -8.25 5.50 6.08
CA THR B 248 -9.15 5.98 5.05
C THR B 248 -10.55 6.10 5.65
N VAL B 249 -11.27 7.18 5.30
CA VAL B 249 -12.68 7.30 5.60
C VAL B 249 -13.34 7.56 4.25
N ASP B 250 -13.63 6.52 3.49
CA ASP B 250 -13.83 6.72 2.06
C ASP B 250 -14.92 5.82 1.58
N GLY B 251 -15.65 5.24 2.51
CA GLY B 251 -16.78 4.38 2.19
C GLY B 251 -16.40 3.18 1.33
N GLY B 252 -15.14 2.75 1.39
CA GLY B 252 -14.73 1.54 0.68
C GLY B 252 -14.09 1.87 -0.68
N LEU B 253 -14.10 3.14 -1.09
CA LEU B 253 -13.58 3.55 -2.38
C LEU B 253 -12.21 2.92 -2.79
N LEU B 254 -11.20 3.11 -1.95
CA LEU B 254 -9.84 2.62 -2.22
C LEU B 254 -9.73 1.07 -2.30
N SER B 255 -10.65 0.31 -1.72
CA SER B 255 -10.60 -1.14 -1.84
C SER B 255 -11.40 -1.68 -2.99
N LYS B 256 -11.96 -0.78 -3.84
CA LYS B 256 -12.89 -1.21 -4.86
C LYS B 256 -12.20 -1.19 -6.20
N LEU B 257 -12.33 -2.25 -6.98
CA LEU B 257 -11.83 -2.21 -8.34
C LEU B 257 -13.08 -2.00 -9.20
N PRO B 258 -13.06 -1.05 -10.17
CA PRO B 258 -14.29 -0.73 -10.92
C PRO B 258 -14.45 -1.56 -12.22
N ILE B 259 -14.18 -2.85 -12.12
CA ILE B 259 -14.38 -3.77 -13.21
C ILE B 259 -15.58 -4.60 -12.83
N SER B 260 -16.58 -4.59 -13.67
CA SER B 260 -17.78 -5.32 -13.43
C SER B 260 -17.50 -6.79 -13.68
N THR B 261 -18.41 -7.59 -13.18
CA THR B 261 -18.14 -8.91 -12.82
C THR B 261 -19.46 -9.62 -13.06
N PRO B 262 -19.44 -10.82 -13.65
CA PRO B 262 -20.75 -11.53 -13.70
C PRO B 262 -21.16 -11.98 -12.31
N ASN B 263 -22.27 -12.66 -12.24
CA ASN B 263 -22.75 -13.16 -10.99
C ASN B 263 -23.15 -14.61 -11.25
N ALA B 264 -22.22 -15.57 -11.10
CA ALA B 264 -22.56 -17.02 -11.18
C ALA B 264 -23.65 -17.30 -10.18
N GLU C 10 -22.23 2.54 27.08
CA GLU C 10 -23.69 2.52 26.79
C GLU C 10 -23.98 2.44 25.29
N GLU C 11 -22.95 2.66 24.47
CA GLU C 11 -23.09 2.68 22.99
C GLU C 11 -23.57 1.37 22.30
N PHE C 12 -23.27 0.21 22.87
CA PHE C 12 -23.66 -1.08 22.28
C PHE C 12 -24.83 -1.77 23.04
N THR C 13 -25.49 -1.05 23.94
CA THR C 13 -26.67 -1.58 24.59
C THR C 13 -27.57 -2.28 23.55
N ASP C 14 -28.04 -3.50 23.89
CA ASP C 14 -28.96 -4.28 23.02
C ASP C 14 -28.32 -4.90 21.74
N LYS C 15 -27.10 -4.51 21.37
CA LYS C 15 -26.41 -5.09 20.19
C LYS C 15 -25.75 -6.40 20.57
N VAL C 16 -25.62 -7.32 19.59
CA VAL C 16 -25.05 -8.66 19.82
C VAL C 16 -23.71 -8.77 19.11
N ALA C 17 -22.66 -9.13 19.85
CA ALA C 17 -21.34 -9.34 19.21
C ALA C 17 -20.89 -10.77 19.32
N ILE C 18 -20.36 -11.31 18.25
CA ILE C 18 -19.66 -12.58 18.35
C ILE C 18 -18.17 -12.32 18.22
N VAL C 19 -17.39 -12.85 19.16
CA VAL C 19 -15.94 -12.77 19.06
C VAL C 19 -15.29 -14.15 19.14
N THR C 20 -14.50 -14.48 18.10
CA THR C 20 -13.81 -15.78 18.03
C THR C 20 -12.39 -15.64 18.64
N GLY C 21 -11.79 -16.76 18.99
CA GLY C 21 -10.51 -16.73 19.71
C GLY C 21 -10.77 -15.96 20.99
N GLY C 22 -11.90 -16.25 21.65
CA GLY C 22 -12.35 -15.50 22.80
C GLY C 22 -11.66 -15.60 24.15
N SER C 23 -10.73 -16.55 24.35
CA SER C 23 -9.77 -16.44 25.49
C SER C 23 -8.30 -16.15 25.06
N SER C 24 -8.15 -15.65 23.84
CA SER C 24 -6.90 -15.01 23.42
C SER C 24 -6.61 -13.83 24.31
N GLY C 25 -5.34 -13.49 24.47
CA GLY C 25 -4.99 -12.17 24.91
C GLY C 25 -5.83 -11.08 24.23
N ILE C 26 -5.69 -10.93 22.91
CA ILE C 26 -6.49 -9.94 22.17
C ILE C 26 -7.98 -10.24 22.27
N GLY C 27 -8.34 -11.50 22.01
CA GLY C 27 -9.75 -11.92 22.05
C GLY C 27 -10.45 -11.54 23.33
N LEU C 28 -9.72 -11.62 24.44
CA LEU C 28 -10.27 -11.48 25.76
C LEU C 28 -10.52 -10.00 26.01
N ALA C 29 -9.61 -9.15 25.51
CA ALA C 29 -9.69 -7.73 25.76
C ALA C 29 -10.83 -7.14 24.91
N VAL C 30 -10.97 -7.61 23.68
CA VAL C 30 -12.11 -7.24 22.82
C VAL C 30 -13.38 -7.67 23.53
N VAL C 31 -13.38 -8.90 24.07
CA VAL C 31 -14.56 -9.35 24.80
C VAL C 31 -14.93 -8.40 25.93
N ASP C 32 -13.98 -8.03 26.81
CA ASP C 32 -14.27 -7.13 27.93
C ASP C 32 -14.64 -5.74 27.44
N ALA C 33 -14.00 -5.26 26.39
CA ALA C 33 -14.26 -3.90 25.94
C ALA C 33 -15.73 -3.79 25.47
N LEU C 34 -16.15 -4.74 24.62
CA LEU C 34 -17.52 -4.79 24.13
C LEU C 34 -18.54 -5.01 25.23
N VAL C 35 -18.20 -5.83 26.22
CA VAL C 35 -19.07 -5.97 27.38
C VAL C 35 -19.17 -4.65 28.14
N ARG C 36 -18.07 -3.93 28.24
CA ARG C 36 -18.04 -2.67 29.04
C ARG C 36 -18.71 -1.51 28.28
N TYR C 37 -18.78 -1.57 26.97
CA TYR C 37 -19.63 -0.62 26.26
C TYR C 37 -21.09 -1.14 26.05
N GLY C 38 -21.48 -2.17 26.79
CA GLY C 38 -22.87 -2.64 26.83
C GLY C 38 -23.35 -3.70 25.83
N ALA C 39 -22.49 -4.22 24.96
CA ALA C 39 -22.92 -5.29 24.03
C ALA C 39 -23.31 -6.60 24.73
N LYS C 40 -24.15 -7.41 24.12
CA LYS C 40 -24.26 -8.82 24.51
C LYS C 40 -23.24 -9.60 23.67
N VAL C 41 -22.28 -10.20 24.36
CA VAL C 41 -21.16 -10.83 23.73
C VAL C 41 -21.27 -12.33 23.82
N VAL C 42 -21.12 -12.94 22.64
CA VAL C 42 -21.09 -14.37 22.45
C VAL C 42 -19.64 -14.71 22.10
N SER C 43 -19.03 -15.41 23.04
CA SER C 43 -17.66 -15.84 22.92
C SER C 43 -17.55 -17.14 22.12
N VAL C 44 -16.54 -17.22 21.25
CA VAL C 44 -16.20 -18.47 20.58
C VAL C 44 -14.72 -18.79 20.80
N SER C 45 -14.45 -20.00 21.27
CA SER C 45 -13.05 -20.48 21.39
C SER C 45 -13.04 -21.98 21.63
N LEU C 46 -11.85 -22.57 21.58
CA LEU C 46 -11.66 -23.98 21.98
C LEU C 46 -11.71 -24.19 23.48
N ASP C 47 -11.89 -23.13 24.29
CA ASP C 47 -11.65 -23.16 25.76
C ASP C 47 -12.79 -23.42 26.75
N GLU C 48 -13.04 -22.45 27.63
CA GLU C 48 -14.06 -22.49 28.70
C GLU C 48 -13.62 -21.63 29.87
N VAL C 52 -16.17 -15.06 31.83
CA VAL C 52 -15.64 -13.72 31.60
C VAL C 52 -16.82 -12.71 31.59
N ASN C 53 -17.93 -13.11 32.23
CA ASN C 53 -19.33 -12.66 31.88
C ASN C 53 -19.67 -12.23 30.43
N VAL C 54 -19.48 -13.17 29.52
CA VAL C 54 -20.05 -13.12 28.18
C VAL C 54 -21.53 -13.42 28.40
N SER C 55 -22.40 -13.13 27.45
CA SER C 55 -23.80 -13.59 27.53
C SER C 55 -23.94 -15.06 27.11
N ASP C 56 -23.03 -15.57 26.27
CA ASP C 56 -23.03 -16.99 25.92
C ASP C 56 -21.58 -17.35 25.58
N HIS C 57 -21.24 -18.64 25.67
CA HIS C 57 -19.96 -19.13 25.17
C HIS C 57 -20.13 -20.31 24.28
N PHE C 58 -19.51 -20.32 23.11
CA PHE C 58 -19.44 -21.59 22.36
C PHE C 58 -18.00 -22.11 22.30
N LYS C 59 -17.81 -23.36 22.78
CA LYS C 59 -16.54 -24.05 22.76
C LYS C 59 -16.45 -24.87 21.50
N ILE C 60 -16.11 -24.25 20.38
CA ILE C 60 -16.20 -24.93 19.10
C ILE C 60 -14.92 -24.69 18.30
N ASP C 61 -14.72 -25.51 17.26
CA ASP C 61 -13.69 -25.24 16.24
C ASP C 61 -14.27 -24.45 15.05
N VAL C 62 -13.71 -23.27 14.75
CA VAL C 62 -14.18 -22.36 13.64
C VAL C 62 -13.97 -23.00 12.26
N THR C 63 -13.30 -24.13 12.23
CA THR C 63 -13.08 -24.77 10.95
C THR C 63 -14.07 -25.90 10.82
N ASN C 64 -14.92 -26.08 11.81
CA ASN C 64 -15.94 -27.11 11.75
C ASN C 64 -17.30 -26.46 11.41
N GLU C 65 -17.76 -26.64 10.14
CA GLU C 65 -18.90 -25.88 9.60
C GLU C 65 -20.15 -26.18 10.41
N GLU C 66 -20.34 -27.43 10.76
CA GLU C 66 -21.46 -27.80 11.61
C GLU C 66 -21.48 -27.03 12.90
N GLU C 67 -20.33 -26.84 13.52
CA GLU C 67 -20.32 -26.24 14.83
C GLU C 67 -20.53 -24.75 14.62
N VAL C 68 -20.05 -24.23 13.47
CA VAL C 68 -20.13 -22.81 13.26
C VAL C 68 -21.57 -22.49 13.01
N LYS C 69 -22.19 -23.23 12.11
CA LYS C 69 -23.63 -23.11 11.79
C LYS C 69 -24.52 -23.17 13.04
N GLU C 70 -24.19 -24.06 13.96
CA GLU C 70 -24.87 -24.26 15.24
C GLU C 70 -24.79 -23.00 16.15
N ALA C 71 -23.58 -22.48 16.30
CA ALA C 71 -23.35 -21.33 17.17
C ALA C 71 -24.09 -20.10 16.62
N VAL C 72 -23.99 -19.89 15.30
CA VAL C 72 -24.58 -18.72 14.66
C VAL C 72 -26.11 -18.78 14.68
N GLU C 73 -26.72 -19.94 14.42
CA GLU C 73 -28.19 -20.08 14.42
C GLU C 73 -28.83 -20.04 15.81
N LYS C 74 -28.16 -20.60 16.82
CA LYS C 74 -28.64 -20.46 18.20
C LYS C 74 -28.63 -18.98 18.55
N THR C 75 -27.49 -18.32 18.33
CA THR C 75 -27.35 -16.87 18.55
C THR C 75 -28.52 -16.03 17.93
N THR C 76 -28.75 -16.20 16.63
CA THR C 76 -29.81 -15.46 16.00
C THR C 76 -31.24 -15.88 16.35
N LYS C 77 -31.47 -17.16 16.66
CA LYS C 77 -32.75 -17.58 17.25
C LYS C 77 -32.87 -17.03 18.65
N LYS C 78 -31.76 -16.82 19.33
CA LYS C 78 -31.85 -16.31 20.71
C LYS C 78 -32.03 -14.80 20.82
N TYR C 79 -31.31 -14.05 20.00
CA TYR C 79 -31.33 -12.61 20.14
C TYR C 79 -32.05 -11.99 18.98
N GLY C 80 -32.25 -12.76 17.91
CA GLY C 80 -32.84 -12.21 16.71
C GLY C 80 -31.92 -11.30 15.94
N ARG C 81 -30.62 -11.30 16.27
CA ARG C 81 -29.66 -10.40 15.61
C ARG C 81 -28.19 -10.72 15.90
N ILE C 82 -27.34 -10.40 14.94
CA ILE C 82 -25.90 -10.31 15.14
C ILE C 82 -25.41 -8.96 14.59
N ASP C 83 -25.07 -8.02 15.45
CA ASP C 83 -24.66 -6.72 14.97
C ASP C 83 -23.17 -6.69 14.57
N ILE C 84 -22.36 -7.46 15.32
CA ILE C 84 -20.90 -7.33 15.31
C ILE C 84 -20.29 -8.72 15.26
N LEU C 85 -19.37 -8.92 14.32
CA LEU C 85 -18.59 -10.14 14.32
C LEU C 85 -17.13 -9.73 14.35
N VAL C 86 -16.38 -10.31 15.27
CA VAL C 86 -14.93 -10.04 15.29
C VAL C 86 -14.17 -11.37 14.97
N ASN C 87 -13.59 -11.51 13.77
CA ASN C 87 -12.80 -12.72 13.51
C ASN C 87 -11.38 -12.62 14.10
N ASN C 88 -11.08 -13.48 15.05
CA ASN C 88 -9.82 -13.39 15.81
C ASN C 88 -9.20 -14.77 16.07
N ALA C 89 -9.86 -15.87 15.72
CA ALA C 89 -9.23 -17.20 15.82
C ALA C 89 -8.03 -17.16 14.89
N GLY C 90 -6.87 -17.60 15.34
CA GLY C 90 -5.64 -17.37 14.58
C GLY C 90 -4.61 -18.25 15.24
N ILE C 91 -4.08 -19.27 14.54
CA ILE C 91 -2.88 -20.02 14.98
C ILE C 91 -1.59 -19.72 14.19
N GLU C 92 -0.47 -20.12 14.77
CA GLU C 92 0.82 -19.89 14.14
C GLU C 92 1.79 -21.06 14.35
N GLN C 93 2.53 -21.50 13.32
CA GLN C 93 3.78 -22.25 13.58
C GLN C 93 5.04 -21.63 12.92
N TYR C 94 6.20 -21.81 13.52
CA TYR C 94 7.38 -21.23 12.90
C TYR C 94 8.06 -22.22 11.97
N SER C 95 8.25 -21.80 10.72
CA SER C 95 8.90 -22.60 9.68
C SER C 95 8.94 -21.73 8.45
N PRO C 96 10.08 -21.73 7.78
CA PRO C 96 10.01 -21.12 6.47
C PRO C 96 9.18 -22.07 5.55
N LEU C 97 8.76 -21.58 4.40
CA LEU C 97 7.92 -22.36 3.48
C LEU C 97 8.31 -23.84 3.21
N HIS C 98 9.55 -24.11 2.78
CA HIS C 98 9.85 -25.46 2.32
C HIS C 98 10.02 -26.41 3.48
N LEU C 99 10.13 -25.88 4.69
CA LEU C 99 10.31 -26.76 5.83
C LEU C 99 8.93 -26.87 6.57
N THR C 100 7.86 -26.26 6.05
CA THR C 100 6.58 -26.36 6.72
C THR C 100 5.90 -27.64 6.27
N PRO C 101 5.60 -28.55 7.24
CA PRO C 101 4.85 -29.76 6.79
C PRO C 101 3.49 -29.41 6.19
N THR C 102 3.11 -30.19 5.19
CA THR C 102 1.90 -29.98 4.43
C THR C 102 0.66 -29.83 5.30
N GLU C 103 0.47 -30.77 6.23
CA GLU C 103 -0.64 -30.78 7.18
C GLU C 103 -0.70 -29.52 8.05
N ILE C 104 0.45 -29.01 8.44
CA ILE C 104 0.53 -27.80 9.24
C ILE C 104 0.23 -26.58 8.37
N TRP C 105 0.82 -26.49 7.20
CA TRP C 105 0.45 -25.41 6.30
C TRP C 105 -1.06 -25.40 6.11
N ARG C 106 -1.68 -26.56 5.76
CA ARG C 106 -3.12 -26.62 5.46
C ARG C 106 -3.94 -26.22 6.68
N ARG C 107 -3.51 -26.69 7.86
CA ARG C 107 -4.13 -26.36 9.13
C ARG C 107 -4.12 -24.84 9.42
N ILE C 108 -3.03 -24.17 9.16
CA ILE C 108 -2.97 -22.74 9.45
C ILE C 108 -3.88 -21.93 8.48
N ILE C 109 -3.85 -22.27 7.21
CA ILE C 109 -4.73 -21.65 6.22
C ILE C 109 -6.18 -21.94 6.63
N ASP C 110 -6.49 -23.21 6.86
CA ASP C 110 -7.81 -23.56 7.34
C ASP C 110 -8.32 -22.70 8.53
N VAL C 111 -7.58 -22.65 9.62
CA VAL C 111 -8.05 -21.92 10.82
C VAL C 111 -8.13 -20.43 10.55
N ASN C 112 -7.00 -19.87 10.09
CA ASN C 112 -6.82 -18.45 9.96
C ASN C 112 -7.66 -17.80 8.87
N VAL C 113 -7.93 -18.53 7.82
CA VAL C 113 -8.60 -17.95 6.68
C VAL C 113 -10.00 -18.56 6.57
N ASN C 114 -10.11 -19.88 6.53
CA ASN C 114 -11.41 -20.50 6.35
C ASN C 114 -12.31 -20.39 7.57
N GLY C 115 -11.73 -20.34 8.77
CA GLY C 115 -12.49 -20.12 10.01
C GLY C 115 -13.26 -18.81 9.94
N SER C 116 -12.55 -17.80 9.43
CA SER C 116 -13.16 -16.51 9.12
C SER C 116 -14.20 -16.54 7.99
N TYR C 117 -13.96 -17.37 6.96
CA TYR C 117 -14.92 -17.50 5.84
C TYR C 117 -16.20 -18.09 6.40
N LEU C 118 -16.06 -19.13 7.19
CA LEU C 118 -17.20 -19.82 7.74
C LEU C 118 -18.05 -18.95 8.67
N MET C 119 -17.44 -18.19 9.57
CA MET C 119 -18.20 -17.36 10.52
C MET C 119 -18.97 -16.27 9.76
N ALA C 120 -18.29 -15.68 8.79
CA ALA C 120 -18.83 -14.62 7.96
C ALA C 120 -19.95 -15.18 7.07
N LYS C 121 -19.75 -16.38 6.54
CA LYS C 121 -20.72 -17.01 5.65
C LYS C 121 -22.11 -17.18 6.28
N TYR C 122 -22.14 -17.45 7.61
CA TYR C 122 -23.39 -17.64 8.31
C TYR C 122 -23.89 -16.29 8.89
N THR C 123 -22.94 -15.41 9.22
CA THR C 123 -23.31 -14.18 9.88
C THR C 123 -23.86 -13.10 8.91
N ILE C 124 -23.21 -12.98 7.75
CA ILE C 124 -23.56 -11.99 6.74
C ILE C 124 -25.08 -11.94 6.41
N PRO C 125 -25.69 -13.08 6.02
CA PRO C 125 -27.08 -12.97 5.59
C PRO C 125 -27.98 -12.58 6.77
N VAL C 126 -27.52 -12.92 7.99
CA VAL C 126 -28.29 -12.51 9.16
C VAL C 126 -28.24 -10.99 9.28
N MET C 127 -27.04 -10.42 9.17
CA MET C 127 -26.86 -8.98 9.23
C MET C 127 -27.65 -8.30 8.11
N LEU C 128 -27.59 -8.88 6.89
CA LEU C 128 -28.25 -8.31 5.70
C LEU C 128 -29.74 -8.30 5.90
N ALA C 129 -30.34 -9.43 6.36
CA ALA C 129 -31.79 -9.52 6.61
C ALA C 129 -32.31 -8.54 7.67
N ILE C 130 -31.45 -8.19 8.63
CA ILE C 130 -31.87 -7.47 9.82
C ILE C 130 -31.62 -5.98 9.58
N GLY C 131 -30.75 -5.68 8.63
CA GLY C 131 -30.41 -4.28 8.31
C GLY C 131 -28.97 -3.80 8.38
N HIS C 132 -28.07 -4.47 9.10
CA HIS C 132 -26.83 -3.77 9.52
C HIS C 132 -25.86 -4.68 10.20
N GLY C 133 -24.59 -4.41 9.97
CA GLY C 133 -23.56 -5.12 10.69
C GLY C 133 -22.21 -4.47 10.53
N SER C 134 -21.32 -4.77 11.47
CA SER C 134 -19.89 -4.47 11.37
C SER C 134 -19.06 -5.74 11.60
N ILE C 135 -18.20 -6.09 10.66
CA ILE C 135 -17.35 -7.27 10.83
C ILE C 135 -15.92 -6.74 10.92
N ILE C 136 -15.18 -7.21 11.92
CA ILE C 136 -13.79 -6.70 12.13
C ILE C 136 -12.88 -7.90 12.07
N ASN C 137 -12.04 -7.98 11.05
CA ASN C 137 -11.02 -9.06 11.06
C ASN C 137 -9.68 -8.66 11.74
N ILE C 138 -9.22 -9.49 12.66
CA ILE C 138 -7.93 -9.22 13.32
C ILE C 138 -6.84 -9.86 12.49
N ALA C 139 -6.12 -9.04 11.79
CA ALA C 139 -5.11 -9.50 10.88
C ALA C 139 -3.78 -9.22 11.64
N SER C 140 -2.79 -8.58 11.02
CA SER C 140 -1.49 -8.40 11.66
C SER C 140 -0.68 -7.42 10.79
N VAL C 141 0.39 -6.86 11.33
CA VAL C 141 1.38 -6.15 10.49
C VAL C 141 2.00 -7.13 9.46
N GLN C 142 1.93 -8.43 9.78
CA GLN C 142 2.34 -9.47 8.85
C GLN C 142 1.32 -9.72 7.74
N SER C 143 0.31 -8.86 7.64
CA SER C 143 -0.53 -8.72 6.43
C SER C 143 0.14 -7.80 5.41
N TYR C 144 1.25 -7.15 5.78
CA TYR C 144 1.97 -6.22 4.89
C TYR C 144 3.44 -6.54 4.65
N ALA C 145 4.07 -7.19 5.63
CA ALA C 145 5.53 -7.45 5.60
C ALA C 145 5.76 -8.75 6.36
N ALA C 146 6.85 -9.43 6.05
CA ALA C 146 7.13 -10.72 6.61
C ALA C 146 8.29 -10.68 7.60
N THR C 147 8.11 -11.55 8.55
CA THR C 147 9.13 -11.95 9.46
C THR C 147 9.71 -13.24 8.87
N LYS C 148 10.84 -13.65 9.39
CA LYS C 148 11.43 -14.93 9.00
C LYS C 148 10.64 -16.11 9.53
N ASN C 149 10.71 -17.26 8.85
CA ASN C 149 10.09 -18.49 9.40
C ASN C 149 8.64 -18.35 9.85
N ALA C 150 7.84 -17.68 9.08
CA ALA C 150 6.42 -17.52 9.37
C ALA C 150 5.60 -17.65 8.07
N ALA C 151 6.02 -18.53 7.16
CA ALA C 151 5.44 -18.63 5.85
C ALA C 151 3.89 -18.71 5.88
N ALA C 152 3.35 -19.75 6.52
CA ALA C 152 1.90 -19.98 6.58
C ALA C 152 1.15 -18.86 7.25
N TYR C 153 1.72 -18.32 8.34
CA TYR C 153 1.07 -17.24 9.09
C TYR C 153 0.99 -15.97 8.24
N VAL C 154 2.11 -15.60 7.64
CA VAL C 154 2.18 -14.41 6.82
C VAL C 154 1.23 -14.57 5.63
N THR C 155 1.25 -15.71 4.98
CA THR C 155 0.30 -15.84 3.87
C THR C 155 -1.20 -15.78 4.31
N SER C 156 -1.48 -16.38 5.46
CA SER C 156 -2.83 -16.38 6.00
C SER C 156 -3.31 -14.96 6.47
N LYS C 157 -2.42 -14.13 7.00
CA LYS C 157 -2.81 -12.76 7.35
C LYS C 157 -2.98 -11.84 6.14
N HIS C 158 -2.17 -12.02 5.10
CA HIS C 158 -2.45 -11.33 3.83
C HIS C 158 -3.81 -11.76 3.28
N ALA C 159 -4.12 -13.05 3.34
CA ALA C 159 -5.39 -13.53 2.82
C ALA C 159 -6.59 -12.84 3.48
N LEU C 160 -6.52 -12.65 4.83
CA LEU C 160 -7.56 -11.99 5.60
C LEU C 160 -7.86 -10.56 5.17
N LEU C 161 -6.85 -9.84 4.72
CA LEU C 161 -7.07 -8.52 4.12
C LEU C 161 -7.88 -8.62 2.85
N GLY C 162 -7.58 -9.61 2.02
CA GLY C 162 -8.41 -9.84 0.84
C GLY C 162 -9.85 -10.23 1.22
N LEU C 163 -10.00 -11.05 2.26
CA LEU C 163 -11.31 -11.42 2.73
C LEU C 163 -12.08 -10.17 3.21
N THR C 164 -11.38 -9.32 3.97
CA THR C 164 -11.92 -8.06 4.41
C THR C 164 -12.39 -7.15 3.23
N ARG C 165 -11.51 -6.94 2.27
CA ARG C 165 -11.83 -6.09 1.15
C ARG C 165 -13.03 -6.56 0.28
N SER C 166 -13.07 -7.86 0.00
CA SER C 166 -14.15 -8.47 -0.74
C SER C 166 -15.52 -8.30 -0.02
N VAL C 167 -15.54 -8.66 1.26
CA VAL C 167 -16.73 -8.52 2.05
C VAL C 167 -17.16 -7.05 2.08
N ALA C 168 -16.19 -6.15 2.24
CA ALA C 168 -16.53 -4.75 2.30
C ALA C 168 -17.23 -4.31 1.04
N ILE C 169 -16.72 -4.80 -0.10
CA ILE C 169 -17.13 -4.28 -1.38
C ILE C 169 -18.49 -4.94 -1.78
N ASP C 170 -18.70 -6.23 -1.52
CA ASP C 170 -19.97 -6.89 -1.89
C ASP C 170 -21.12 -6.52 -0.98
N TYR C 171 -20.87 -6.01 0.23
CA TYR C 171 -22.02 -5.95 1.22
C TYR C 171 -22.26 -4.52 1.80
N ALA C 172 -21.49 -3.55 1.34
CA ALA C 172 -21.75 -2.17 1.71
C ALA C 172 -23.11 -1.86 1.05
N PRO C 173 -23.90 -0.93 1.60
CA PRO C 173 -23.54 -0.13 2.78
C PRO C 173 -23.98 -0.85 4.06
N LYS C 174 -24.77 -1.91 3.94
CA LYS C 174 -25.38 -2.45 5.16
C LYS C 174 -24.37 -3.12 6.11
N ILE C 175 -23.34 -3.74 5.55
CA ILE C 175 -22.27 -4.35 6.37
C ILE C 175 -20.98 -3.58 6.10
N ARG C 176 -20.35 -3.08 7.15
CA ARG C 176 -19.00 -2.54 7.04
C ARG C 176 -18.05 -3.64 7.44
N CYS C 177 -16.94 -3.76 6.70
CA CYS C 177 -15.93 -4.78 7.00
C CYS C 177 -14.52 -4.20 6.91
N ASN C 178 -13.78 -4.37 8.01
CA ASN C 178 -12.50 -3.74 8.19
C ASN C 178 -11.54 -4.69 8.93
N ALA C 179 -10.25 -4.41 8.82
CA ALA C 179 -9.19 -5.22 9.42
C ALA C 179 -8.39 -4.37 10.37
N VAL C 180 -8.01 -4.95 11.49
CA VAL C 180 -7.11 -4.32 12.47
C VAL C 180 -5.82 -5.15 12.33
N CYS C 181 -4.69 -4.44 12.24
CA CYS C 181 -3.37 -5.04 11.98
C CYS C 181 -2.42 -4.66 13.14
N PRO C 182 -2.46 -5.44 14.22
CA PRO C 182 -1.59 -5.16 15.39
C PRO C 182 -0.08 -5.37 15.14
N GLY C 183 0.76 -4.55 15.80
CA GLY C 183 2.22 -4.77 15.82
C GLY C 183 2.44 -5.85 16.86
N THR C 184 3.55 -5.79 17.60
CA THR C 184 3.78 -6.73 18.68
C THR C 184 2.90 -6.32 19.86
N ILE C 185 2.02 -7.23 20.28
CA ILE C 185 1.13 -7.04 21.45
C ILE C 185 1.46 -8.06 22.57
N MET C 186 1.36 -7.61 23.83
CA MET C 186 1.61 -8.44 25.02
C MET C 186 0.45 -9.44 25.23
N THR C 187 0.63 -10.64 24.67
CA THR C 187 -0.34 -11.72 24.71
C THR C 187 0.44 -12.99 25.00
N PRO C 188 -0.28 -14.08 25.33
CA PRO C 188 0.30 -15.43 25.41
C PRO C 188 1.07 -15.91 24.17
N MET C 189 0.51 -15.79 22.96
CA MET C 189 1.29 -16.15 21.77
C MET C 189 2.68 -15.51 21.80
N VAL C 190 2.74 -14.22 22.16
CA VAL C 190 3.97 -13.44 22.08
C VAL C 190 5.02 -13.80 23.16
N ILE C 191 4.54 -14.08 24.38
CA ILE C 191 5.42 -14.57 25.46
C ILE C 191 6.03 -15.94 25.04
N LYS C 192 5.20 -16.75 24.38
CA LYS C 192 5.60 -18.09 23.96
C LYS C 192 6.68 -17.96 22.89
N ALA C 193 6.41 -17.15 21.87
CA ALA C 193 7.39 -16.82 20.82
C ALA C 193 8.76 -16.41 21.39
N ALA C 194 8.76 -15.57 22.41
CA ALA C 194 9.99 -15.12 23.05
C ALA C 194 10.69 -16.30 23.73
N LYS C 195 9.92 -17.15 24.40
CA LYS C 195 10.53 -18.32 25.09
C LYS C 195 11.16 -19.27 24.08
N MET C 196 10.51 -19.42 22.94
CA MET C 196 11.00 -20.28 21.86
C MET C 196 12.35 -19.85 21.23
N GLU C 197 12.70 -18.58 21.39
CA GLU C 197 13.95 -18.04 20.86
C GLU C 197 15.00 -18.03 21.95
N VAL C 198 14.57 -17.79 23.18
CA VAL C 198 15.45 -17.26 24.25
C VAL C 198 15.54 -18.29 25.39
N GLY C 199 14.46 -19.03 25.63
CA GLY C 199 14.37 -19.95 26.75
C GLY C 199 13.31 -19.50 27.74
N GLU C 200 13.11 -20.31 28.79
CA GLU C 200 12.22 -20.09 29.92
C GLU C 200 12.74 -19.00 30.87
N ASP C 201 14.07 -18.83 30.88
CA ASP C 201 14.74 -17.79 31.66
C ASP C 201 13.95 -16.46 31.73
N GLU C 202 13.39 -16.21 32.93
CA GLU C 202 12.37 -15.18 33.16
C GLU C 202 12.70 -13.78 32.64
N ASN C 203 13.85 -13.24 33.02
CA ASN C 203 14.17 -11.93 32.51
C ASN C 203 15.03 -11.92 31.22
N ALA C 204 15.29 -13.10 30.67
CA ALA C 204 15.79 -13.21 29.29
C ALA C 204 14.61 -13.00 28.35
N VAL C 205 13.46 -13.50 28.78
CA VAL C 205 12.23 -13.32 28.03
C VAL C 205 11.93 -11.83 27.90
N GLU C 206 11.92 -11.14 29.06
CA GLU C 206 11.50 -9.76 29.08
C GLU C 206 12.56 -8.91 28.38
N ARG C 207 13.77 -9.45 28.21
CA ARG C 207 14.75 -8.75 27.40
C ARG C 207 14.39 -8.84 25.95
N LYS C 208 13.90 -10.00 25.55
CA LYS C 208 13.51 -10.18 24.18
C LYS C 208 12.31 -9.25 23.90
N ILE C 209 11.38 -9.14 24.87
CA ILE C 209 10.18 -8.32 24.69
C ILE C 209 10.58 -6.85 24.55
N GLU C 210 11.50 -6.44 25.42
CA GLU C 210 12.06 -5.10 25.35
C GLU C 210 12.70 -4.81 24.01
N GLU C 211 13.47 -5.78 23.49
CA GLU C 211 14.11 -5.63 22.18
C GLU C 211 13.06 -5.40 21.04
N TRP C 212 11.98 -6.17 21.04
CA TRP C 212 10.85 -5.91 20.11
C TRP C 212 10.24 -4.53 20.27
N GLY C 213 10.09 -4.11 21.54
CA GLY C 213 9.42 -2.88 21.86
C GLY C 213 10.25 -1.74 21.28
N ARG C 214 11.56 -1.96 21.31
CA ARG C 214 12.50 -0.98 20.87
C ARG C 214 12.46 -0.91 19.34
N GLN C 215 11.99 -1.94 18.68
CA GLN C 215 11.86 -1.87 17.21
C GLN C 215 10.70 -0.93 16.75
N HIS C 216 9.74 -0.70 17.65
CA HIS C 216 8.57 0.11 17.40
C HIS C 216 8.91 1.51 17.80
N PRO C 217 8.60 2.49 16.92
CA PRO C 217 8.81 3.91 17.27
C PRO C 217 8.33 4.29 18.68
N MET C 218 7.16 3.83 19.09
CA MET C 218 6.66 4.06 20.46
C MET C 218 7.66 3.64 21.59
N GLY C 219 8.56 2.69 21.34
CA GLY C 219 9.54 2.22 22.33
C GLY C 219 9.07 1.12 23.27
N ARG C 220 7.88 0.56 23.02
CA ARG C 220 7.33 -0.52 23.83
C ARG C 220 6.36 -1.26 22.92
N ILE C 221 5.97 -2.48 23.30
CA ILE C 221 5.02 -3.28 22.52
C ILE C 221 3.60 -2.89 22.95
N GLY C 222 2.57 -3.32 22.24
CA GLY C 222 1.19 -2.86 22.55
C GLY C 222 0.55 -3.60 23.71
N ARG C 223 -0.56 -3.09 24.22
CA ARG C 223 -1.35 -3.83 25.17
C ARG C 223 -2.60 -4.30 24.42
N PRO C 224 -3.09 -5.51 24.77
CA PRO C 224 -4.30 -6.04 24.16
C PRO C 224 -5.49 -5.01 24.24
N GLU C 225 -5.62 -4.26 25.32
CA GLU C 225 -6.71 -3.27 25.41
C GLU C 225 -6.59 -2.17 24.36
N GLU C 226 -5.37 -1.89 23.91
CA GLU C 226 -5.11 -0.87 22.87
C GLU C 226 -5.65 -1.38 21.57
N VAL C 227 -5.58 -2.71 21.37
CA VAL C 227 -6.20 -3.33 20.22
C VAL C 227 -7.75 -3.29 20.34
N ALA C 228 -8.29 -3.57 21.52
CA ALA C 228 -9.73 -3.71 21.70
C ALA C 228 -10.49 -2.36 21.50
N GLU C 229 -9.81 -1.26 21.79
CA GLU C 229 -10.36 0.09 21.65
C GLU C 229 -10.56 0.31 20.15
N VAL C 230 -9.59 -0.17 19.37
CA VAL C 230 -9.68 0.02 17.94
C VAL C 230 -10.82 -0.82 17.33
N VAL C 231 -10.96 -2.05 17.84
CA VAL C 231 -12.03 -2.91 17.42
C VAL C 231 -13.38 -2.29 17.83
N ALA C 232 -13.48 -1.77 19.06
CA ALA C 232 -14.68 -1.07 19.53
C ALA C 232 -15.06 0.10 18.61
N PHE C 233 -14.06 0.91 18.27
CA PHE C 233 -14.28 2.04 17.37
C PHE C 233 -14.84 1.59 16.01
N LEU C 234 -14.29 0.52 15.44
CA LEU C 234 -14.78 -0.03 14.17
C LEU C 234 -16.19 -0.72 14.25
N ALA C 235 -16.55 -1.24 15.42
CA ALA C 235 -17.86 -1.87 15.61
C ALA C 235 -18.89 -0.78 15.80
N SER C 236 -18.43 0.42 15.99
CA SER C 236 -19.26 1.49 16.43
C SER C 236 -19.69 2.43 15.26
N ASP C 237 -20.86 3.01 15.37
CA ASP C 237 -21.38 4.04 14.45
C ASP C 237 -20.45 5.22 14.20
N ARG C 238 -19.55 5.50 15.15
CA ARG C 238 -18.53 6.54 14.95
C ARG C 238 -17.66 6.33 13.71
N SER C 239 -17.43 5.07 13.36
CA SER C 239 -16.66 4.78 12.17
C SER C 239 -17.58 4.43 10.96
N SER C 240 -18.80 5.01 10.91
CA SER C 240 -19.85 4.72 9.89
C SER C 240 -19.44 4.95 8.42
N PHE C 241 -18.45 5.82 8.14
CA PHE C 241 -18.01 5.89 6.73
C PHE C 241 -16.72 5.06 6.50
N ILE C 242 -16.36 4.24 7.49
CA ILE C 242 -15.12 3.42 7.35
C ILE C 242 -15.46 2.01 6.94
N THR C 243 -15.01 1.64 5.74
CA THR C 243 -15.14 0.25 5.31
C THR C 243 -14.05 -0.18 4.32
N GLY C 244 -13.69 -1.46 4.37
CA GLY C 244 -12.62 -2.03 3.55
C GLY C 244 -11.28 -1.50 3.98
N ALA C 245 -11.19 -0.97 5.20
CA ALA C 245 -9.95 -0.35 5.59
C ALA C 245 -9.16 -1.33 6.46
N CYS C 246 -7.84 -1.11 6.45
CA CYS C 246 -6.89 -1.74 7.35
C CYS C 246 -6.35 -0.70 8.31
N LEU C 247 -6.59 -0.93 9.59
CA LEU C 247 -6.08 -0.02 10.59
C LEU C 247 -4.95 -0.72 11.26
N THR C 248 -3.74 -0.19 11.10
CA THR C 248 -2.58 -0.68 11.83
C THR C 248 -2.66 -0.15 13.30
N VAL C 249 -2.35 -1.02 14.27
CA VAL C 249 -2.28 -0.65 15.69
C VAL C 249 -0.90 -1.22 16.05
N ASP C 250 0.14 -0.47 15.65
CA ASP C 250 1.47 -1.01 15.63
C ASP C 250 2.55 -0.08 16.20
N GLY C 251 2.12 0.99 16.85
CA GLY C 251 3.05 1.90 17.49
C GLY C 251 3.99 2.49 16.47
N GLY C 252 3.54 2.53 15.20
CA GLY C 252 4.32 3.11 14.12
C GLY C 252 5.24 2.15 13.37
N LEU C 253 5.21 0.84 13.70
CA LEU C 253 6.22 -0.13 13.20
C LEU C 253 6.35 -0.11 11.66
N LEU C 254 5.23 -0.35 10.99
CA LEU C 254 5.13 -0.31 9.53
C LEU C 254 5.52 1.01 8.88
N SER C 255 5.44 2.11 9.60
CA SER C 255 5.82 3.38 9.01
C SER C 255 7.28 3.72 9.19
N LYS C 256 8.00 2.82 9.82
CA LYS C 256 9.41 2.97 10.12
C LYS C 256 10.40 2.16 9.22
N LEU C 257 11.38 2.84 8.64
CA LEU C 257 12.41 2.16 7.85
C LEU C 257 13.63 1.89 8.75
N PRO C 258 14.02 0.62 8.95
CA PRO C 258 15.02 0.36 10.01
C PRO C 258 16.44 0.64 9.62
N ILE C 259 16.72 1.85 9.15
CA ILE C 259 18.07 2.20 8.69
C ILE C 259 18.48 3.49 9.39
N SER C 260 19.59 3.43 10.10
CA SER C 260 20.04 4.56 10.86
C SER C 260 20.41 5.73 9.95
N THR C 261 20.36 6.89 10.58
CA THR C 261 20.54 8.19 9.97
C THR C 261 21.43 9.10 10.88
N PRO C 262 22.20 10.05 10.31
CA PRO C 262 22.95 10.97 11.19
C PRO C 262 22.05 11.82 12.11
N ASN C 263 22.62 12.29 13.21
CA ASN C 263 21.92 13.19 14.19
C ASN C 263 21.55 14.65 13.79
N ALA C 264 21.90 15.62 14.64
CA ALA C 264 21.37 17.01 14.60
C ALA C 264 20.00 17.12 13.91
N GLU D 10 20.80 -1.99 -29.03
CA GLU D 10 20.07 -1.39 -30.19
C GLU D 10 18.61 -1.03 -29.88
N GLU D 11 18.10 -1.45 -28.73
CA GLU D 11 16.67 -1.22 -28.38
C GLU D 11 16.17 0.26 -28.37
N PHE D 12 17.03 1.20 -28.05
CA PHE D 12 16.60 2.58 -27.98
C PHE D 12 17.18 3.42 -29.12
N THR D 13 17.66 2.78 -30.18
CA THR D 13 18.16 3.49 -31.35
C THR D 13 17.13 4.53 -31.81
N ASP D 14 17.61 5.75 -32.10
CA ASP D 14 16.75 6.92 -32.45
C ASP D 14 15.85 7.48 -31.33
N LYS D 15 15.92 6.93 -30.11
CA LYS D 15 15.15 7.48 -29.00
C LYS D 15 15.97 8.47 -28.20
N VAL D 16 15.29 9.51 -27.70
CA VAL D 16 15.93 10.58 -26.98
C VAL D 16 15.50 10.50 -25.53
N ALA D 17 16.49 10.48 -24.63
CA ALA D 17 16.23 10.42 -23.19
C ALA D 17 16.86 11.61 -22.53
N ILE D 18 16.10 12.19 -21.60
CA ILE D 18 16.61 13.21 -20.73
C ILE D 18 16.72 12.62 -19.33
N VAL D 19 17.91 12.74 -18.74
CA VAL D 19 17.99 12.35 -17.35
C VAL D 19 18.60 13.44 -16.47
N THR D 20 17.92 13.74 -15.36
CA THR D 20 18.45 14.81 -14.53
C THR D 20 19.21 14.14 -13.39
N GLY D 21 20.01 14.93 -12.69
CA GLY D 21 20.90 14.47 -11.62
C GLY D 21 21.80 13.48 -12.26
N GLY D 22 22.32 13.83 -13.44
CA GLY D 22 23.05 12.90 -14.28
C GLY D 22 24.52 12.72 -13.95
N SER D 23 25.01 13.37 -12.89
CA SER D 23 26.33 13.08 -12.26
C SER D 23 26.21 12.21 -10.99
N SER D 24 25.02 11.72 -10.73
CA SER D 24 24.72 10.96 -9.51
C SER D 24 25.19 9.55 -9.62
N GLY D 25 25.44 8.93 -8.49
CA GLY D 25 25.54 7.49 -8.46
C GLY D 25 24.45 6.96 -9.37
N ILE D 26 23.20 7.12 -8.99
CA ILE D 26 22.12 6.58 -9.83
C ILE D 26 21.93 7.27 -11.22
N GLY D 27 22.03 8.60 -11.27
CA GLY D 27 21.87 9.29 -12.54
C GLY D 27 22.89 8.85 -13.57
N LEU D 28 24.12 8.69 -13.12
CA LEU D 28 25.19 8.32 -14.00
C LEU D 28 25.02 6.92 -14.50
N ALA D 29 24.67 6.00 -13.60
CA ALA D 29 24.42 4.61 -14.01
C ALA D 29 23.24 4.55 -15.04
N VAL D 30 22.21 5.33 -14.81
CA VAL D 30 21.04 5.33 -15.72
C VAL D 30 21.47 5.84 -17.08
N VAL D 31 22.25 6.94 -17.06
CA VAL D 31 22.70 7.59 -18.28
C VAL D 31 23.45 6.56 -19.14
N ASP D 32 24.28 5.77 -18.49
CA ASP D 32 25.05 4.70 -19.13
C ASP D 32 24.30 3.49 -19.68
N ALA D 33 23.35 2.98 -18.91
CA ALA D 33 22.55 1.87 -19.39
C ALA D 33 21.87 2.33 -20.68
N LEU D 34 21.29 3.53 -20.63
CA LEU D 34 20.53 4.05 -21.74
C LEU D 34 21.41 4.26 -22.93
N VAL D 35 22.63 4.76 -22.71
CA VAL D 35 23.56 4.91 -23.81
C VAL D 35 23.89 3.53 -24.32
N ARG D 36 23.98 2.54 -23.42
CA ARG D 36 24.49 1.21 -23.86
C ARG D 36 23.40 0.60 -24.70
N TYR D 37 22.16 0.87 -24.35
CA TYR D 37 21.04 0.34 -25.09
C TYR D 37 20.65 1.18 -26.31
N GLY D 38 21.47 2.16 -26.64
CA GLY D 38 21.39 2.86 -27.91
C GLY D 38 20.65 4.19 -27.89
N ALA D 39 20.22 4.68 -26.73
CA ALA D 39 19.50 5.96 -26.64
C ALA D 39 20.41 7.16 -26.93
N LYS D 40 19.87 8.26 -27.49
CA LYS D 40 20.61 9.55 -27.43
C LYS D 40 20.25 10.20 -26.09
N VAL D 41 21.24 10.36 -25.24
CA VAL D 41 21.00 10.84 -23.88
C VAL D 41 21.37 12.28 -23.67
N VAL D 42 20.44 13.04 -23.12
CA VAL D 42 20.67 14.44 -22.86
C VAL D 42 20.73 14.47 -21.35
N SER D 43 21.94 14.70 -20.82
CA SER D 43 22.21 14.67 -19.37
C SER D 43 21.98 16.04 -18.77
N VAL D 44 21.41 16.09 -17.57
CA VAL D 44 21.11 17.35 -16.91
C VAL D 44 21.59 17.29 -15.51
N SER D 45 22.45 18.24 -15.14
CA SER D 45 22.90 18.34 -13.77
C SER D 45 23.50 19.71 -13.40
N LEU D 46 23.83 19.84 -12.11
CA LEU D 46 24.53 21.00 -11.58
C LEU D 46 25.99 21.10 -12.00
N ASP D 47 26.58 20.00 -12.47
CA ASP D 47 28.02 19.88 -12.83
C ASP D 47 28.30 20.04 -14.30
N GLU D 48 29.56 19.79 -14.66
CA GLU D 48 30.05 19.59 -16.04
C GLU D 48 30.23 18.11 -16.45
N VAL D 52 31.99 12.10 -19.25
CA VAL D 52 30.66 11.63 -19.58
C VAL D 52 30.44 11.43 -21.12
N ASN D 53 29.58 10.48 -21.46
CA ASN D 53 29.44 9.85 -22.79
C ASN D 53 28.11 10.20 -23.51
N VAL D 54 27.49 11.29 -23.07
CA VAL D 54 26.13 11.62 -23.44
C VAL D 54 26.16 12.34 -24.80
N SER D 55 25.02 12.65 -25.42
CA SER D 55 25.03 13.56 -26.59
C SER D 55 24.89 15.06 -26.28
N ASP D 56 24.29 15.40 -25.15
CA ASP D 56 24.19 16.80 -24.77
C ASP D 56 24.23 16.86 -23.26
N HIS D 57 24.83 17.94 -22.73
CA HIS D 57 24.75 18.25 -21.30
C HIS D 57 24.21 19.62 -21.06
N PHE D 58 23.16 19.74 -20.25
CA PHE D 58 22.81 21.05 -19.72
C PHE D 58 23.20 21.12 -18.22
N LYS D 59 24.08 22.08 -17.91
CA LYS D 59 24.43 22.44 -16.55
C LYS D 59 23.41 23.45 -16.01
N ILE D 60 22.32 22.95 -15.44
CA ILE D 60 21.23 23.82 -15.05
C ILE D 60 20.64 23.29 -13.75
N ASP D 61 19.95 24.20 -13.04
CA ASP D 61 19.17 23.95 -11.82
C ASP D 61 17.73 23.61 -12.24
N VAL D 62 17.26 22.39 -11.91
CA VAL D 62 15.92 21.98 -12.32
C VAL D 62 14.86 22.85 -11.66
N THR D 63 15.25 23.79 -10.81
CA THR D 63 14.21 24.57 -10.16
C THR D 63 14.07 25.89 -10.90
N ASN D 64 14.90 26.09 -11.91
CA ASN D 64 14.89 27.28 -12.72
C ASN D 64 14.01 27.06 -13.97
N GLU D 65 12.79 27.63 -13.93
CA GLU D 65 11.86 27.39 -15.00
C GLU D 65 12.44 27.77 -16.39
N GLU D 66 13.02 28.95 -16.47
CA GLU D 66 13.68 29.41 -17.67
C GLU D 66 14.76 28.41 -18.21
N GLU D 67 15.55 27.80 -17.32
CA GLU D 67 16.66 26.98 -17.78
C GLU D 67 16.10 25.65 -18.24
N VAL D 68 15.06 25.18 -17.54
CA VAL D 68 14.37 23.93 -17.92
C VAL D 68 13.69 24.09 -19.28
N LYS D 69 12.88 25.12 -19.40
CA LYS D 69 12.22 25.44 -20.64
C LYS D 69 13.24 25.47 -21.80
N GLU D 70 14.32 26.20 -21.61
CA GLU D 70 15.34 26.31 -22.61
C GLU D 70 16.01 24.97 -22.99
N ALA D 71 16.37 24.15 -21.99
CA ALA D 71 16.94 22.85 -22.26
C ALA D 71 15.93 21.91 -22.96
N VAL D 72 14.64 22.04 -22.66
CA VAL D 72 13.66 21.12 -23.26
C VAL D 72 13.38 21.56 -24.70
N GLU D 73 13.31 22.88 -24.95
CA GLU D 73 13.07 23.40 -26.31
C GLU D 73 14.26 23.15 -27.24
N LYS D 74 15.48 23.23 -26.70
CA LYS D 74 16.68 22.96 -27.49
C LYS D 74 16.76 21.51 -27.93
N THR D 75 16.47 20.61 -26.99
CA THR D 75 16.44 19.20 -27.25
C THR D 75 15.37 18.89 -28.30
N THR D 76 14.18 19.41 -28.09
CA THR D 76 13.08 19.27 -29.04
C THR D 76 13.44 19.88 -30.41
N LYS D 77 14.01 21.08 -30.42
CA LYS D 77 14.47 21.68 -31.68
C LYS D 77 15.48 20.81 -32.33
N LYS D 78 16.32 20.17 -31.53
CA LYS D 78 17.44 19.47 -32.16
C LYS D 78 17.10 18.05 -32.55
N TYR D 79 16.33 17.35 -31.75
CA TYR D 79 16.04 15.98 -32.13
C TYR D 79 14.63 15.84 -32.62
N GLY D 80 13.80 16.87 -32.35
CA GLY D 80 12.39 16.79 -32.72
C GLY D 80 11.64 15.68 -31.97
N ARG D 81 12.14 15.28 -30.79
CA ARG D 81 11.51 14.27 -29.95
C ARG D 81 12.13 14.17 -28.52
N ILE D 82 11.31 13.76 -27.57
CA ILE D 82 11.77 13.29 -26.27
C ILE D 82 10.95 12.02 -25.95
N ASP D 83 11.60 10.85 -25.98
CA ASP D 83 10.92 9.58 -25.70
C ASP D 83 10.85 9.31 -24.20
N ILE D 84 11.86 9.77 -23.48
CA ILE D 84 12.11 9.28 -22.13
C ILE D 84 12.57 10.43 -21.24
N LEU D 85 11.95 10.54 -20.07
CA LEU D 85 12.41 11.51 -19.08
C LEU D 85 12.61 10.70 -17.83
N VAL D 86 13.83 10.81 -17.29
CA VAL D 86 14.08 10.25 -15.95
C VAL D 86 14.30 11.39 -14.98
N ASN D 87 13.36 11.63 -14.08
CA ASN D 87 13.55 12.63 -13.02
C ASN D 87 14.35 12.03 -11.87
N ASN D 88 15.59 12.47 -11.76
CA ASN D 88 16.48 11.93 -10.76
C ASN D 88 17.19 12.95 -9.89
N ALA D 89 16.99 14.25 -10.12
CA ALA D 89 17.52 15.33 -9.24
C ALA D 89 16.95 15.24 -7.80
N GLY D 90 17.81 15.21 -6.77
CA GLY D 90 17.31 15.00 -5.38
C GLY D 90 18.34 15.54 -4.40
N ILE D 91 17.90 16.21 -3.33
CA ILE D 91 18.78 16.62 -2.27
C ILE D 91 18.31 16.05 -0.92
N GLU D 92 19.24 15.82 0.00
CA GLU D 92 18.86 15.31 1.30
C GLU D 92 19.47 16.14 2.42
N GLN D 93 18.62 16.67 3.30
CA GLN D 93 19.03 17.34 4.56
C GLN D 93 18.77 16.39 5.72
N TYR D 94 19.48 16.46 6.86
CA TYR D 94 19.11 15.58 7.97
C TYR D 94 18.60 16.23 9.20
N SER D 95 17.28 16.31 9.31
CA SER D 95 16.68 16.95 10.43
C SER D 95 15.34 16.37 10.68
N PRO D 96 14.94 16.32 11.94
CA PRO D 96 13.52 16.03 12.14
C PRO D 96 12.72 17.31 11.78
N LEU D 97 11.41 17.13 11.56
CA LEU D 97 10.61 18.26 11.03
C LEU D 97 10.81 19.63 11.79
N HIS D 98 10.72 19.65 13.12
CA HIS D 98 10.63 20.92 13.77
C HIS D 98 12.02 21.53 13.90
N LEU D 99 13.06 20.77 13.56
CA LEU D 99 14.41 21.34 13.63
C LEU D 99 14.91 21.67 12.22
N THR D 100 14.07 21.47 11.20
CA THR D 100 14.46 21.78 9.84
C THR D 100 14.26 23.28 9.61
N PRO D 101 15.33 24.02 9.21
CA PRO D 101 15.05 25.43 8.88
C PRO D 101 14.12 25.56 7.68
N THR D 102 13.33 26.63 7.68
CA THR D 102 12.24 26.84 6.76
C THR D 102 12.78 26.93 5.33
N GLU D 103 13.86 27.70 5.16
CA GLU D 103 14.48 27.83 3.84
C GLU D 103 15.02 26.48 3.35
N ILE D 104 15.53 25.66 4.27
CA ILE D 104 15.99 24.35 3.85
C ILE D 104 14.84 23.43 3.51
N TRP D 105 13.79 23.46 4.31
CA TRP D 105 12.59 22.69 4.01
C TRP D 105 12.10 23.08 2.64
N ARG D 106 11.90 24.37 2.42
CA ARG D 106 11.37 24.90 1.13
C ARG D 106 12.22 24.51 -0.06
N ARG D 107 13.54 24.55 0.08
CA ARG D 107 14.45 24.13 -0.97
C ARG D 107 14.39 22.62 -1.36
N ILE D 108 14.34 21.75 -0.36
CA ILE D 108 14.20 20.31 -0.64
C ILE D 108 12.92 19.99 -1.43
N ILE D 109 11.81 20.55 -0.98
CA ILE D 109 10.53 20.37 -1.69
C ILE D 109 10.71 20.94 -3.08
N ASP D 110 11.23 22.17 -3.15
CA ASP D 110 11.45 22.77 -4.47
C ASP D 110 12.28 21.85 -5.43
N VAL D 111 13.47 21.45 -5.01
CA VAL D 111 14.28 20.55 -5.86
C VAL D 111 13.59 19.20 -6.16
N ASN D 112 13.18 18.47 -5.12
CA ASN D 112 12.80 17.09 -5.26
C ASN D 112 11.42 16.92 -5.92
N VAL D 113 10.55 17.91 -5.78
CA VAL D 113 9.16 17.82 -6.27
C VAL D 113 8.95 18.83 -7.41
N ASN D 114 9.26 20.12 -7.19
CA ASN D 114 8.98 21.13 -8.19
C ASN D 114 9.85 20.99 -9.39
N GLY D 115 11.11 20.59 -9.20
CA GLY D 115 11.98 20.29 -10.33
C GLY D 115 11.49 19.18 -11.23
N SER D 116 10.91 18.15 -10.64
CA SER D 116 10.19 17.16 -11.43
C SER D 116 8.93 17.65 -12.17
N TYR D 117 8.21 18.56 -11.49
CA TYR D 117 7.00 19.19 -12.04
C TYR D 117 7.45 19.91 -13.33
N LEU D 118 8.51 20.65 -13.19
CA LEU D 118 8.97 21.50 -14.25
C LEU D 118 9.50 20.73 -15.45
N MET D 119 10.36 19.72 -15.24
CA MET D 119 10.82 18.87 -16.35
C MET D 119 9.61 18.22 -17.04
N ALA D 120 8.74 17.63 -16.24
CA ALA D 120 7.55 17.00 -16.84
C ALA D 120 6.66 18.04 -17.62
N LYS D 121 6.46 19.22 -17.01
CA LYS D 121 5.62 20.27 -17.60
C LYS D 121 5.96 20.63 -19.03
N TYR D 122 7.26 20.72 -19.33
CA TYR D 122 7.70 21.04 -20.66
C TYR D 122 7.85 19.80 -21.54
N THR D 123 8.09 18.65 -20.90
CA THR D 123 8.37 17.43 -21.63
C THR D 123 7.05 16.74 -22.10
N ILE D 124 6.04 16.66 -21.22
CA ILE D 124 4.77 16.01 -21.52
C ILE D 124 4.11 16.46 -22.85
N PRO D 125 3.88 17.77 -23.07
CA PRO D 125 3.29 18.15 -24.37
C PRO D 125 4.10 17.75 -25.58
N VAL D 126 5.41 17.62 -25.46
CA VAL D 126 6.22 17.19 -26.58
C VAL D 126 5.94 15.71 -26.89
N MET D 127 5.91 14.90 -25.84
CA MET D 127 5.60 13.51 -25.94
C MET D 127 4.19 13.30 -26.47
N LEU D 128 3.19 14.06 -25.95
CA LEU D 128 1.82 13.97 -26.48
C LEU D 128 1.81 14.33 -27.98
N ALA D 129 2.54 15.39 -28.36
CA ALA D 129 2.47 15.89 -29.72
C ALA D 129 3.03 14.85 -30.69
N ILE D 130 3.98 14.07 -30.20
CA ILE D 130 4.74 13.17 -31.04
C ILE D 130 4.21 11.75 -30.99
N GLY D 131 3.48 11.42 -29.95
CA GLY D 131 2.86 10.10 -29.95
C GLY D 131 3.06 9.23 -28.72
N HIS D 132 4.20 9.36 -28.03
CA HIS D 132 4.62 8.35 -27.05
C HIS D 132 5.64 8.94 -26.09
N GLY D 133 5.53 8.61 -24.82
CA GLY D 133 6.62 8.87 -23.91
C GLY D 133 6.68 7.88 -22.79
N SER D 134 7.83 7.80 -22.13
CA SER D 134 7.91 7.07 -20.86
C SER D 134 8.63 7.93 -19.82
N ILE D 135 7.95 8.22 -18.72
CA ILE D 135 8.53 9.04 -17.65
C ILE D 135 8.82 8.19 -16.42
N ILE D 136 10.02 8.31 -15.86
CA ILE D 136 10.42 7.50 -14.68
C ILE D 136 10.88 8.43 -13.57
N ASN D 137 10.18 8.40 -12.45
CA ASN D 137 10.59 9.14 -11.28
C ASN D 137 11.36 8.24 -10.34
N ILE D 138 12.61 8.65 -10.05
CA ILE D 138 13.41 7.99 -9.06
C ILE D 138 13.01 8.50 -7.71
N ALA D 139 12.26 7.67 -7.01
CA ALA D 139 11.65 8.04 -5.74
C ALA D 139 12.54 7.28 -4.69
N SER D 140 11.99 6.56 -3.72
CA SER D 140 12.80 5.90 -2.68
C SER D 140 11.91 4.97 -1.82
N VAL D 141 12.51 4.02 -1.12
CA VAL D 141 11.76 3.25 -0.11
C VAL D 141 11.18 4.25 0.90
N GLN D 142 11.83 5.39 1.05
CA GLN D 142 11.26 6.44 1.86
C GLN D 142 10.08 7.17 1.29
N SER D 143 9.56 6.67 0.17
CA SER D 143 8.22 7.02 -0.36
C SER D 143 7.13 6.20 0.34
N TYR D 144 7.54 5.19 1.12
CA TYR D 144 6.60 4.35 1.86
C TYR D 144 6.75 4.38 3.36
N ALA D 145 7.93 4.70 3.85
CA ALA D 145 8.24 4.56 5.29
C ALA D 145 9.37 5.54 5.64
N ALA D 146 9.43 5.95 6.90
CA ALA D 146 10.38 6.92 7.29
C ALA D 146 11.61 6.39 8.08
N THR D 147 12.72 6.97 7.71
CA THR D 147 13.90 7.07 8.54
C THR D 147 13.76 8.27 9.53
N LYS D 148 14.60 8.26 10.56
CA LYS D 148 14.64 9.37 11.53
C LYS D 148 15.34 10.54 10.88
N ASN D 149 15.00 11.74 11.31
CA ASN D 149 15.72 12.93 10.89
C ASN D 149 15.78 13.12 9.38
N ALA D 150 14.70 12.79 8.69
CA ALA D 150 14.64 12.96 7.24
C ALA D 150 13.32 13.56 6.78
N ALA D 151 12.77 14.46 7.59
CA ALA D 151 11.42 14.99 7.37
C ALA D 151 11.22 15.54 5.95
N ALA D 152 12.06 16.45 5.52
CA ALA D 152 11.81 17.05 4.22
C ALA D 152 11.95 16.03 3.09
N TYR D 153 12.89 15.11 3.28
CA TYR D 153 13.20 14.14 2.30
C TYR D 153 12.06 13.14 2.10
N VAL D 154 11.65 12.55 3.23
CA VAL D 154 10.49 11.66 3.26
C VAL D 154 9.23 12.28 2.65
N THR D 155 8.95 13.53 3.01
CA THR D 155 7.82 14.25 2.49
C THR D 155 7.91 14.33 0.92
N SER D 156 9.08 14.72 0.46
CA SER D 156 9.27 14.99 -0.96
C SER D 156 9.25 13.65 -1.72
N LYS D 157 9.72 12.57 -1.12
CA LYS D 157 9.65 11.30 -1.87
C LYS D 157 8.28 10.72 -1.89
N HIS D 158 7.52 10.92 -0.81
CA HIS D 158 6.08 10.55 -0.89
C HIS D 158 5.40 11.37 -1.98
N ALA D 159 5.70 12.69 -2.04
CA ALA D 159 5.14 13.59 -3.05
C ALA D 159 5.36 13.09 -4.48
N LEU D 160 6.60 12.64 -4.79
CA LEU D 160 6.95 12.09 -6.12
C LEU D 160 6.06 10.96 -6.61
N LEU D 161 5.65 10.09 -5.71
CA LEU D 161 4.72 9.00 -6.03
C LEU D 161 3.38 9.54 -6.49
N GLY D 162 2.96 10.64 -5.87
CA GLY D 162 1.71 11.30 -6.24
C GLY D 162 1.79 11.94 -7.63
N LEU D 163 2.93 12.59 -7.91
CA LEU D 163 3.19 13.18 -9.17
C LEU D 163 3.18 12.05 -10.22
N THR D 164 3.73 10.92 -9.85
CA THR D 164 3.79 9.78 -10.71
C THR D 164 2.38 9.28 -11.05
N ARG D 165 1.60 8.97 -10.02
CA ARG D 165 0.24 8.44 -10.20
C ARG D 165 -0.62 9.44 -11.00
N SER D 166 -0.53 10.74 -10.68
CA SER D 166 -1.26 11.78 -11.41
C SER D 166 -0.96 11.85 -12.93
N VAL D 167 0.32 11.91 -13.24
CA VAL D 167 0.77 11.92 -14.62
C VAL D 167 0.32 10.64 -15.33
N ALA D 168 0.45 9.49 -14.68
CA ALA D 168 0.06 8.22 -15.31
C ALA D 168 -1.42 8.27 -15.74
N ILE D 169 -2.24 8.79 -14.83
CA ILE D 169 -3.68 8.76 -14.99
C ILE D 169 -4.18 9.80 -16.00
N ASP D 170 -3.57 10.97 -16.02
CA ASP D 170 -3.97 12.00 -16.96
C ASP D 170 -3.44 11.71 -18.36
N TYR D 171 -2.36 10.94 -18.50
CA TYR D 171 -1.70 10.97 -19.81
C TYR D 171 -1.64 9.59 -20.53
N ALA D 172 -2.15 8.56 -19.86
CA ALA D 172 -2.32 7.23 -20.45
C ALA D 172 -3.22 7.42 -21.64
N PRO D 173 -3.05 6.61 -22.73
CA PRO D 173 -2.03 5.57 -22.94
C PRO D 173 -0.71 6.11 -23.55
N LYS D 174 -0.70 7.33 -24.09
CA LYS D 174 0.50 7.83 -24.79
C LYS D 174 1.75 7.97 -23.92
N ILE D 175 1.55 8.47 -22.70
CA ILE D 175 2.63 8.60 -21.73
C ILE D 175 2.44 7.59 -20.63
N ARG D 176 3.48 6.78 -20.39
CA ARG D 176 3.54 5.92 -19.20
C ARG D 176 4.36 6.61 -18.13
N CYS D 177 3.91 6.55 -16.88
CA CYS D 177 4.65 7.24 -15.81
C CYS D 177 4.73 6.29 -14.64
N ASN D 178 5.98 6.02 -14.24
CA ASN D 178 6.24 5.08 -13.15
C ASN D 178 7.32 5.59 -12.25
N ALA D 179 7.36 5.00 -11.06
CA ALA D 179 8.34 5.32 -10.01
C ALA D 179 9.13 4.02 -9.66
N VAL D 180 10.41 4.26 -9.50
CA VAL D 180 11.40 3.34 -9.06
C VAL D 180 11.77 3.82 -7.63
N CYS D 181 11.69 2.89 -6.67
CA CYS D 181 11.89 3.19 -5.24
C CYS D 181 13.07 2.36 -4.70
N PRO D 182 14.30 2.90 -4.86
CA PRO D 182 15.47 2.13 -4.42
C PRO D 182 15.60 2.05 -2.88
N GLY D 183 16.27 0.99 -2.40
CA GLY D 183 16.69 0.90 -1.04
C GLY D 183 18.01 1.64 -0.92
N THR D 184 18.90 1.13 -0.05
CA THR D 184 20.22 1.72 0.11
C THR D 184 21.00 1.26 -1.11
N ILE D 185 21.49 2.23 -1.88
CA ILE D 185 22.32 1.95 -3.04
C ILE D 185 23.70 2.56 -2.75
N MET D 186 24.75 1.89 -3.23
CA MET D 186 26.13 2.37 -3.12
C MET D 186 26.33 3.60 -4.01
N THR D 187 26.16 4.78 -3.42
CA THR D 187 26.31 6.05 -4.16
C THR D 187 27.03 7.04 -3.28
N PRO D 188 27.51 8.16 -3.88
CA PRO D 188 28.19 9.18 -3.04
C PRO D 188 27.33 9.74 -1.87
N MET D 189 26.06 10.01 -2.12
CA MET D 189 25.07 10.40 -1.10
C MET D 189 25.08 9.44 0.09
N VAL D 190 25.02 8.13 -0.18
CA VAL D 190 25.07 7.09 0.87
C VAL D 190 26.40 7.05 1.61
N ILE D 191 27.53 7.09 0.90
CA ILE D 191 28.88 7.09 1.56
C ILE D 191 28.93 8.27 2.54
N LYS D 192 28.45 9.42 2.06
CA LYS D 192 28.44 10.68 2.81
C LYS D 192 27.58 10.59 4.07
N ALA D 193 26.37 10.07 3.90
CA ALA D 193 25.51 9.78 5.03
C ALA D 193 26.24 8.92 6.06
N ALA D 194 27.00 7.93 5.60
CA ALA D 194 27.66 7.10 6.57
C ALA D 194 28.72 7.90 7.39
N LYS D 195 29.48 8.77 6.74
CA LYS D 195 30.54 9.52 7.46
C LYS D 195 29.91 10.50 8.44
N MET D 196 28.83 11.14 8.03
CA MET D 196 28.12 12.05 8.92
C MET D 196 27.65 11.31 10.18
N GLU D 197 27.51 9.98 10.11
CA GLU D 197 27.12 9.18 11.26
C GLU D 197 28.31 8.55 11.97
N VAL D 198 29.41 8.35 11.25
CA VAL D 198 30.45 7.39 11.66
C VAL D 198 31.87 7.97 11.56
N GLY D 199 31.97 9.21 11.07
CA GLY D 199 33.26 9.88 10.87
C GLY D 199 33.86 9.50 9.52
N GLU D 200 34.86 10.26 9.05
CA GLU D 200 35.49 9.98 7.75
C GLU D 200 36.44 8.76 7.80
N ASP D 201 36.58 8.18 8.99
CA ASP D 201 37.33 6.94 9.23
C ASP D 201 36.98 5.87 8.19
N GLU D 202 37.88 5.64 7.23
CA GLU D 202 37.58 4.68 6.15
C GLU D 202 36.87 3.45 6.72
N ASN D 203 37.55 2.78 7.66
CA ASN D 203 37.13 1.49 8.22
C ASN D 203 35.75 1.42 8.87
N ALA D 204 35.32 2.52 9.48
CA ALA D 204 34.02 2.55 10.16
C ALA D 204 32.90 2.67 9.14
N VAL D 205 33.20 3.37 8.04
CA VAL D 205 32.29 3.61 6.93
C VAL D 205 31.82 2.28 6.31
N GLU D 206 32.77 1.36 6.11
CA GLU D 206 32.46 0.06 5.53
C GLU D 206 31.64 -0.78 6.51
N ARG D 207 32.01 -0.73 7.79
CA ARG D 207 31.18 -1.33 8.82
C ARG D 207 29.74 -0.77 8.87
N LYS D 208 29.60 0.54 8.69
CA LYS D 208 28.27 1.13 8.68
C LYS D 208 27.48 0.62 7.47
N ILE D 209 28.07 0.67 6.28
CA ILE D 209 27.46 0.21 5.01
C ILE D 209 27.02 -1.26 5.09
N GLU D 210 27.86 -2.09 5.68
CA GLU D 210 27.60 -3.52 5.77
C GLU D 210 26.46 -3.80 6.73
N GLU D 211 26.38 -3.03 7.83
CA GLU D 211 25.20 -3.02 8.68
C GLU D 211 23.92 -2.68 7.84
N TRP D 212 23.96 -1.69 6.96
CA TRP D 212 22.74 -1.37 6.18
C TRP D 212 22.45 -2.49 5.24
N GLY D 213 23.51 -3.07 4.68
CA GLY D 213 23.42 -4.26 3.87
C GLY D 213 22.69 -5.37 4.60
N ARG D 214 23.04 -5.62 5.85
CA ARG D 214 22.37 -6.66 6.59
C ARG D 214 20.93 -6.37 7.00
N GLN D 215 20.49 -5.10 6.94
CA GLN D 215 19.06 -4.83 7.13
C GLN D 215 18.22 -5.30 5.94
N HIS D 216 18.84 -5.48 4.78
CA HIS D 216 18.13 -5.87 3.57
C HIS D 216 18.19 -7.37 3.49
N PRO D 217 17.03 -8.00 3.28
CA PRO D 217 17.02 -9.44 3.06
C PRO D 217 18.20 -9.92 2.18
N MET D 218 18.47 -9.29 1.05
CA MET D 218 19.61 -9.66 0.20
C MET D 218 20.95 -9.71 0.96
N GLY D 219 21.09 -8.96 2.08
CA GLY D 219 22.33 -9.03 2.92
C GLY D 219 23.45 -8.15 2.35
N ARG D 220 23.15 -7.33 1.36
CA ARG D 220 24.11 -6.38 0.87
C ARG D 220 23.28 -5.17 0.43
N ILE D 221 23.98 -4.16 -0.01
CA ILE D 221 23.39 -2.93 -0.46
C ILE D 221 23.28 -2.99 -1.98
N GLY D 222 22.47 -2.16 -2.61
CA GLY D 222 22.31 -2.26 -4.06
C GLY D 222 23.41 -1.52 -4.80
N ARG D 223 23.61 -1.91 -6.05
CA ARG D 223 24.50 -1.22 -6.97
C ARG D 223 23.68 -0.23 -7.85
N PRO D 224 24.24 0.98 -8.13
CA PRO D 224 23.55 1.93 -9.02
C PRO D 224 23.08 1.26 -10.36
N GLU D 225 23.86 0.34 -10.92
CA GLU D 225 23.45 -0.27 -12.21
C GLU D 225 22.24 -1.20 -12.09
N GLU D 226 21.99 -1.72 -10.89
CA GLU D 226 20.77 -2.52 -10.66
C GLU D 226 19.55 -1.64 -10.66
N VAL D 227 19.72 -0.37 -10.24
CA VAL D 227 18.66 0.60 -10.36
C VAL D 227 18.44 1.01 -11.84
N ALA D 228 19.54 1.25 -12.54
CA ALA D 228 19.53 1.64 -13.94
C ALA D 228 18.86 0.63 -14.85
N GLU D 229 19.00 -0.68 -14.54
CA GLU D 229 18.35 -1.72 -15.34
C GLU D 229 16.82 -1.65 -15.24
N VAL D 230 16.35 -1.30 -14.05
CA VAL D 230 14.94 -1.20 -13.76
C VAL D 230 14.39 0.06 -14.45
N VAL D 231 15.17 1.15 -14.44
CA VAL D 231 14.80 2.36 -15.21
C VAL D 231 14.74 2.01 -16.70
N ALA D 232 15.76 1.30 -17.20
CA ALA D 232 15.77 0.81 -18.61
C ALA D 232 14.51 -0.04 -19.00
N PHE D 233 14.11 -0.97 -18.15
CA PHE D 233 12.93 -1.81 -18.37
C PHE D 233 11.68 -0.90 -18.46
N LEU D 234 11.52 0.01 -17.52
CA LEU D 234 10.42 0.98 -17.58
C LEU D 234 10.38 1.96 -18.79
N ALA D 235 11.54 2.27 -19.35
CA ALA D 235 11.64 3.18 -20.49
C ALA D 235 11.31 2.38 -21.77
N SER D 236 11.35 1.07 -21.66
CA SER D 236 11.27 0.12 -22.78
C SER D 236 9.81 -0.26 -23.12
N ASP D 237 9.52 -0.53 -24.38
CA ASP D 237 8.25 -1.15 -24.75
C ASP D 237 7.97 -2.48 -24.04
N ARG D 238 9.00 -3.10 -23.46
CA ARG D 238 8.81 -4.33 -22.70
C ARG D 238 7.88 -4.18 -21.51
N SER D 239 7.80 -2.96 -20.93
CA SER D 239 6.92 -2.67 -19.80
C SER D 239 5.64 -1.88 -20.29
N SER D 240 5.19 -2.14 -21.52
CA SER D 240 4.13 -1.34 -22.16
C SER D 240 2.74 -1.39 -21.48
N PHE D 241 2.48 -2.36 -20.59
CA PHE D 241 1.23 -2.28 -19.86
C PHE D 241 1.44 -1.88 -18.38
N ILE D 242 2.63 -1.36 -18.08
CA ILE D 242 2.93 -0.84 -16.73
C ILE D 242 2.87 0.67 -16.72
N THR D 243 1.99 1.25 -15.89
CA THR D 243 1.97 2.70 -15.72
C THR D 243 1.34 3.02 -14.37
N GLY D 244 1.82 4.09 -13.74
CA GLY D 244 1.29 4.44 -12.42
C GLY D 244 1.81 3.50 -11.35
N ALA D 245 2.82 2.70 -11.68
CA ALA D 245 3.31 1.73 -10.70
C ALA D 245 4.57 2.30 -10.01
N CYS D 246 4.80 1.78 -8.82
CA CYS D 246 5.97 2.02 -7.99
C CYS D 246 6.73 0.73 -7.90
N LEU D 247 7.87 0.64 -8.56
CA LEU D 247 8.72 -0.55 -8.46
C LEU D 247 9.82 -0.38 -7.41
N THR D 248 9.79 -1.19 -6.37
CA THR D 248 10.82 -1.14 -5.36
C THR D 248 12.02 -1.91 -5.91
N VAL D 249 13.23 -1.37 -5.69
CA VAL D 249 14.50 -1.98 -6.01
C VAL D 249 15.30 -1.91 -4.68
N ASP D 250 14.87 -2.76 -3.74
CA ASP D 250 15.31 -2.61 -2.36
C ASP D 250 15.78 -3.89 -1.72
N GLY D 251 16.11 -4.89 -2.52
CA GLY D 251 16.69 -6.13 -2.02
C GLY D 251 15.76 -6.73 -0.97
N GLY D 252 14.48 -6.31 -1.03
CA GLY D 252 13.42 -6.84 -0.16
C GLY D 252 13.12 -6.05 1.13
N LEU D 253 13.78 -4.91 1.33
CA LEU D 253 13.74 -4.22 2.62
C LEU D 253 12.30 -3.92 3.14
N LEU D 254 11.43 -3.35 2.28
CA LEU D 254 10.02 -3.03 2.55
C LEU D 254 9.12 -4.21 2.87
N SER D 255 9.46 -5.42 2.40
CA SER D 255 8.64 -6.60 2.73
C SER D 255 9.18 -7.31 3.94
N LYS D 256 10.20 -6.72 4.56
CA LYS D 256 10.81 -7.29 5.77
C LYS D 256 10.27 -6.69 7.08
N LEU D 257 9.66 -7.51 7.92
CA LEU D 257 9.35 -7.06 9.29
C LEU D 257 10.54 -7.34 10.23
N PRO D 258 11.15 -6.26 10.75
CA PRO D 258 12.36 -6.31 11.57
C PRO D 258 12.14 -6.72 13.04
N ILE D 259 11.49 -7.86 13.23
CA ILE D 259 11.22 -8.45 14.54
C ILE D 259 11.66 -9.90 14.41
N SER D 260 12.57 -10.34 15.27
CA SER D 260 13.15 -11.67 15.20
C SER D 260 12.10 -12.72 15.57
N THR D 261 12.41 -13.97 15.25
CA THR D 261 11.48 -15.06 15.17
C THR D 261 12.30 -16.30 15.64
N PRO D 262 11.68 -17.28 16.33
CA PRO D 262 12.45 -18.54 16.60
C PRO D 262 12.83 -19.19 15.28
N ASN D 263 14.03 -19.72 15.15
CA ASN D 263 14.31 -20.44 13.91
C ASN D 263 14.08 -21.91 14.19
N ALA D 264 12.80 -22.29 14.27
CA ALA D 264 12.40 -23.56 14.91
C ALA D 264 10.91 -23.88 14.68
#